data_7W9Z
#
_entry.id   7W9Z
#
_cell.length_a   56.506
_cell.length_b   67.694
_cell.length_c   102.374
_cell.angle_alpha   90.000
_cell.angle_beta   100.150
_cell.angle_gamma   90.000
#
_symmetry.space_group_name_H-M   'P 1 21 1'
#
loop_
_entity.id
_entity.type
_entity.pdbx_description
1 polymer 'Iron-containing alcohol dehydrogenase'
2 non-polymer 'NADP NICOTINAMIDE-ADENINE-DINUCLEOTIDE PHOSPHATE'
3 non-polymer 'NITRATE ION'
4 water water
#
_entity_poly.entity_id   1
_entity_poly.type   'polypeptide(L)'
_entity_poly.pdbx_seq_one_letter_code
;GSAKDPMHNFTYWNPTKLIFGRGEVERLPEELKSYGKNVLLVYGGGSIKRSGLYDQVIEQLNKAGVTVHELAGVEPNPRV
STVNKGVALCKEHHIDFLLAVGGGSVIDCTKAIAAGAKYDGDAWDIVTKKHQPKDALPFGTVLTLAATGSEMNSGSVITN
WETKEKYGWGSPLVFPKFSILDPVNTFTVPKNHTIYGMVDMMSHVFEQYFHHVSNTPYQDRMCESLLRTVIETAPKLIND
LENYELRETILYTGTIALNGMLSMGARGDWATHNIEHAVSAVYDIPHAGGLAILFPNWMRHTLSENPARMKQLAVRVFGV
EEAGKTDKEVALEGIDKLSAFWTSLGAPNRLADYDINDEQLDTIADKAMANGTFGQFKSLNKEDVLAILKASL
;
_entity_poly.pdbx_strand_id   A,B
#
loop_
_chem_comp.id
_chem_comp.type
_chem_comp.name
_chem_comp.formula
NAP non-polymer 'NADP NICOTINAMIDE-ADENINE-DINUCLEOTIDE PHOSPHATE' 'C21 H28 N7 O17 P3'
NO3 non-polymer 'NITRATE ION' 'N O3 -1'
#
# COMPACT_ATOMS: atom_id res chain seq x y z
N HIS A 8 6.28 3.45 15.03
CA HIS A 8 5.93 3.05 13.67
C HIS A 8 4.43 2.82 13.48
N ASN A 9 3.63 3.11 14.50
CA ASN A 9 2.21 2.81 14.41
C ASN A 9 1.41 3.82 13.60
N PHE A 10 1.96 5.00 13.34
CA PHE A 10 1.30 5.97 12.49
C PHE A 10 1.98 6.11 11.14
N THR A 11 2.91 5.22 10.82
CA THR A 11 3.67 5.25 9.58
C THR A 11 3.26 4.09 8.69
N TYR A 12 3.05 4.38 7.40
CA TYR A 12 2.63 3.39 6.42
C TYR A 12 3.61 3.46 5.27
N TRP A 13 4.44 2.42 5.14
CA TRP A 13 5.58 2.53 4.23
C TRP A 13 5.87 1.16 3.65
N ASN A 14 5.56 0.99 2.36
CA ASN A 14 5.76 -0.26 1.65
C ASN A 14 6.35 0.08 0.29
N PRO A 15 7.67 0.32 0.22
CA PRO A 15 8.26 0.78 -1.04
C PRO A 15 8.54 -0.30 -2.06
N THR A 16 8.29 -1.58 -1.75
CA THR A 16 8.61 -2.63 -2.70
C THR A 16 7.64 -2.60 -3.89
N LYS A 17 8.19 -2.70 -5.10
CA LYS A 17 7.37 -2.78 -6.30
C LYS A 17 6.77 -4.18 -6.39
N LEU A 18 5.45 -4.29 -6.41
CA LEU A 18 4.80 -5.60 -6.45
C LEU A 18 4.27 -5.85 -7.86
N ILE A 19 4.53 -7.05 -8.38
CA ILE A 19 4.01 -7.50 -9.66
C ILE A 19 3.22 -8.76 -9.41
N PHE A 20 1.92 -8.74 -9.69
CA PHE A 20 1.00 -9.78 -9.26
C PHE A 20 0.32 -10.41 -10.46
N GLY A 21 0.41 -11.73 -10.59
CA GLY A 21 -0.41 -12.42 -11.55
C GLY A 21 0.29 -13.65 -12.13
N ARG A 22 -0.49 -14.40 -12.89
CA ARG A 22 0.01 -15.63 -13.49
C ARG A 22 1.13 -15.36 -14.48
N GLY A 23 2.23 -16.10 -14.32
CA GLY A 23 3.35 -16.02 -15.23
C GLY A 23 4.23 -14.80 -15.08
N GLU A 24 4.09 -14.03 -14.00
CA GLU A 24 4.83 -12.78 -13.92
C GLU A 24 6.30 -12.96 -13.61
N VAL A 25 6.79 -14.19 -13.44
CA VAL A 25 8.23 -14.42 -13.42
C VAL A 25 8.87 -13.90 -14.70
N GLU A 26 8.10 -13.78 -15.79
CA GLU A 26 8.63 -13.25 -17.05
C GLU A 26 8.95 -11.77 -16.97
N ARG A 27 8.60 -11.10 -15.87
CA ARG A 27 8.99 -9.71 -15.68
C ARG A 27 10.39 -9.57 -15.10
N LEU A 28 11.06 -10.68 -14.77
CA LEU A 28 12.40 -10.56 -14.16
C LEU A 28 13.37 -9.75 -15.03
N PRO A 29 13.51 -10.02 -16.33
CA PRO A 29 14.49 -9.24 -17.10
C PRO A 29 14.23 -7.74 -17.05
N GLU A 30 12.97 -7.32 -17.20
CA GLU A 30 12.67 -5.90 -17.13
C GLU A 30 13.09 -5.30 -15.80
N GLU A 31 12.83 -6.00 -14.69
CA GLU A 31 13.16 -5.47 -13.38
C GLU A 31 14.65 -5.54 -13.10
N LEU A 32 15.34 -6.54 -13.67
CA LEU A 32 16.78 -6.64 -13.45
C LEU A 32 17.57 -5.64 -14.27
N LYS A 33 16.94 -4.95 -15.24
CA LYS A 33 17.67 -4.00 -16.08
C LYS A 33 18.39 -2.95 -15.26
N SER A 34 17.83 -2.56 -14.12
CA SER A 34 18.34 -1.45 -13.33
C SER A 34 19.48 -1.85 -12.40
N TYR A 35 19.81 -3.13 -12.31
CA TYR A 35 20.79 -3.60 -11.34
C TYR A 35 21.99 -4.24 -12.03
N GLY A 36 23.03 -4.50 -11.25
CA GLY A 36 24.24 -5.10 -11.78
C GLY A 36 24.02 -6.54 -12.23
N LYS A 37 25.03 -7.07 -12.93
CA LYS A 37 24.85 -8.35 -13.61
C LYS A 37 25.29 -9.56 -12.79
N ASN A 38 25.99 -9.38 -11.66
CA ASN A 38 26.42 -10.52 -10.84
C ASN A 38 25.35 -10.75 -9.79
N VAL A 39 24.58 -11.83 -9.94
CA VAL A 39 23.40 -12.09 -9.12
C VAL A 39 23.59 -13.36 -8.30
N LEU A 40 23.29 -13.29 -7.01
CA LEU A 40 23.24 -14.46 -6.15
C LEU A 40 21.79 -14.91 -6.04
N LEU A 41 21.49 -16.09 -6.57
CA LEU A 41 20.18 -16.70 -6.47
C LEU A 41 20.10 -17.53 -5.21
N VAL A 42 19.18 -17.16 -4.31
CA VAL A 42 19.06 -17.76 -2.98
C VAL A 42 17.76 -18.55 -2.91
N TYR A 43 17.82 -19.80 -2.46
CA TYR A 43 16.60 -20.60 -2.35
C TYR A 43 16.75 -21.67 -1.27
N GLY A 44 15.68 -22.44 -1.08
CA GLY A 44 15.57 -23.37 0.05
C GLY A 44 16.00 -24.78 -0.31
N GLY A 45 15.22 -25.74 0.19
CA GLY A 45 15.60 -27.13 0.17
C GLY A 45 15.25 -27.91 -1.07
N GLY A 46 14.70 -27.27 -2.10
CA GLY A 46 14.50 -27.97 -3.35
C GLY A 46 13.09 -27.94 -3.90
N SER A 47 12.12 -27.44 -3.13
CA SER A 47 10.75 -27.38 -3.67
C SER A 47 10.70 -26.59 -4.96
N ILE A 48 11.55 -25.57 -5.13
CA ILE A 48 11.47 -24.78 -6.36
C ILE A 48 11.95 -25.56 -7.56
N LYS A 49 12.80 -26.58 -7.36
CA LYS A 49 13.19 -27.42 -8.49
C LYS A 49 12.09 -28.43 -8.81
N ARG A 50 11.45 -28.99 -7.79
CA ARG A 50 10.39 -29.97 -8.04
C ARG A 50 9.18 -29.34 -8.73
N SER A 51 8.92 -28.06 -8.49
CA SER A 51 7.77 -27.39 -9.11
C SER A 51 8.06 -26.87 -10.50
N GLY A 52 9.33 -26.86 -10.91
CA GLY A 52 9.72 -26.28 -12.19
C GLY A 52 10.02 -24.79 -12.17
N LEU A 53 9.84 -24.13 -11.02
CA LEU A 53 10.11 -22.70 -10.94
C LEU A 53 11.59 -22.38 -11.09
N TYR A 54 12.45 -23.23 -10.54
CA TYR A 54 13.89 -23.05 -10.68
C TYR A 54 14.30 -22.89 -12.15
N ASP A 55 13.87 -23.84 -12.99
CA ASP A 55 14.24 -23.75 -14.40
C ASP A 55 13.67 -22.49 -15.05
N GLN A 56 12.49 -22.05 -14.64
CA GLN A 56 11.92 -20.82 -15.20
C GLN A 56 12.76 -19.63 -14.79
N VAL A 57 13.19 -19.58 -13.52
CA VAL A 57 13.99 -18.45 -13.06
C VAL A 57 15.33 -18.42 -13.79
N ILE A 58 15.98 -19.58 -13.93
CA ILE A 58 17.25 -19.65 -14.66
C ILE A 58 17.09 -19.13 -16.08
N GLU A 59 15.99 -19.50 -16.74
CA GLU A 59 15.76 -19.03 -18.09
C GLU A 59 15.66 -17.50 -18.13
N GLN A 60 14.94 -16.92 -17.17
CA GLN A 60 14.81 -15.46 -17.14
C GLN A 60 16.15 -14.80 -16.82
N LEU A 61 16.95 -15.39 -15.92
CA LEU A 61 18.24 -14.79 -15.60
C LEU A 61 19.15 -14.81 -16.81
N ASN A 62 19.10 -15.89 -17.61
CA ASN A 62 19.87 -15.92 -18.85
C ASN A 62 19.36 -14.86 -19.82
N LYS A 63 18.04 -14.72 -19.92
CA LYS A 63 17.46 -13.69 -20.78
C LYS A 63 17.90 -12.28 -20.34
N ALA A 64 18.15 -12.10 -19.04
CA ALA A 64 18.65 -10.85 -18.51
C ALA A 64 20.15 -10.67 -18.67
N GLY A 65 20.87 -11.66 -19.18
CA GLY A 65 22.32 -11.54 -19.34
C GLY A 65 23.06 -11.57 -18.03
N VAL A 66 22.48 -12.20 -17.01
CA VAL A 66 22.98 -12.18 -15.64
C VAL A 66 23.97 -13.32 -15.43
N THR A 67 25.04 -13.04 -14.67
CA THR A 67 25.97 -14.07 -14.21
C THR A 67 25.49 -14.59 -12.87
N VAL A 68 25.12 -15.87 -12.83
CA VAL A 68 24.39 -16.46 -11.71
C VAL A 68 25.36 -17.27 -10.86
N HIS A 69 25.31 -17.03 -9.55
CA HIS A 69 25.79 -17.98 -8.58
C HIS A 69 24.65 -18.29 -7.61
N GLU A 70 24.75 -19.42 -6.94
CA GLU A 70 23.62 -19.91 -6.15
C GLU A 70 24.01 -20.14 -4.69
N LEU A 71 23.05 -19.87 -3.82
CA LEU A 71 23.06 -20.33 -2.43
C LEU A 71 21.80 -21.17 -2.23
N ALA A 72 21.97 -22.49 -2.26
CA ALA A 72 20.87 -23.43 -2.07
C ALA A 72 20.82 -23.86 -0.63
N GLY A 73 19.65 -24.35 -0.22
CA GLY A 73 19.55 -25.04 1.05
C GLY A 73 19.25 -24.17 2.26
N VAL A 74 18.70 -22.98 2.06
CA VAL A 74 18.23 -22.20 3.20
C VAL A 74 17.18 -23.00 3.96
N GLU A 75 17.35 -23.12 5.27
CA GLU A 75 16.44 -23.92 6.08
C GLU A 75 15.30 -23.07 6.62
N PRO A 76 14.12 -23.67 6.80
CA PRO A 76 13.09 -23.03 7.61
C PRO A 76 13.67 -22.68 8.96
N ASN A 77 13.38 -21.44 9.42
CA ASN A 77 14.10 -20.82 10.54
C ASN A 77 15.57 -20.70 10.14
N PRO A 78 15.90 -19.78 9.24
CA PRO A 78 17.21 -19.80 8.57
C PRO A 78 18.35 -19.58 9.56
N ARG A 79 19.42 -20.35 9.37
CA ARG A 79 20.56 -20.35 10.27
C ARG A 79 21.53 -19.24 9.89
N VAL A 80 22.14 -18.62 10.91
CA VAL A 80 23.12 -17.59 10.61
C VAL A 80 24.35 -18.16 9.90
N SER A 81 24.67 -19.45 10.06
CA SER A 81 25.77 -20.00 9.28
C SER A 81 25.47 -19.88 7.79
N THR A 82 24.20 -20.07 7.41
CA THR A 82 23.82 -19.92 6.01
C THR A 82 23.98 -18.47 5.56
N VAL A 83 23.62 -17.52 6.43
CA VAL A 83 23.82 -16.11 6.13
C VAL A 83 25.30 -15.82 5.88
N ASN A 84 26.16 -16.23 6.81
CA ASN A 84 27.58 -15.96 6.67
C ASN A 84 28.15 -16.61 5.41
N LYS A 85 27.63 -17.80 5.05
CA LYS A 85 28.05 -18.44 3.81
C LYS A 85 27.67 -17.60 2.61
N GLY A 86 26.45 -17.06 2.61
CA GLY A 86 26.03 -16.18 1.53
C GLY A 86 26.87 -14.92 1.45
N VAL A 87 27.24 -14.36 2.61
CA VAL A 87 28.09 -13.17 2.61
C VAL A 87 29.43 -13.48 1.96
N ALA A 88 30.02 -14.62 2.30
CA ALA A 88 31.30 -14.98 1.70
C ALA A 88 31.17 -15.16 0.20
N LEU A 89 30.04 -15.73 -0.26
CA LEU A 89 29.80 -15.85 -1.69
C LEU A 89 29.67 -14.47 -2.35
N CYS A 90 29.02 -13.52 -1.67
CA CYS A 90 28.92 -12.18 -2.23
C CYS A 90 30.29 -11.55 -2.42
N LYS A 91 31.19 -11.74 -1.46
CA LYS A 91 32.55 -11.21 -1.62
C LYS A 91 33.31 -11.98 -2.70
N GLU A 92 33.18 -13.31 -2.72
CA GLU A 92 33.93 -14.13 -3.65
C GLU A 92 33.58 -13.78 -5.10
N HIS A 93 32.28 -13.59 -5.37
CA HIS A 93 31.78 -13.47 -6.73
C HIS A 93 31.40 -12.04 -7.09
N HIS A 94 31.75 -11.06 -6.25
CA HIS A 94 31.51 -9.65 -6.54
C HIS A 94 30.04 -9.41 -6.87
N ILE A 95 29.17 -9.92 -6.01
CA ILE A 95 27.73 -9.91 -6.25
C ILE A 95 27.21 -8.49 -6.18
N ASP A 96 26.38 -8.11 -7.17
CA ASP A 96 25.71 -6.82 -7.22
C ASP A 96 24.29 -6.83 -6.67
N PHE A 97 23.61 -7.97 -6.71
CA PHE A 97 22.17 -8.06 -6.52
C PHE A 97 21.83 -9.49 -6.11
N LEU A 98 20.86 -9.65 -5.22
CA LEU A 98 20.42 -10.98 -4.81
C LEU A 98 18.98 -11.20 -5.26
N LEU A 99 18.66 -12.43 -5.66
CA LEU A 99 17.28 -12.79 -5.97
C LEU A 99 16.84 -13.92 -5.05
N ALA A 100 15.90 -13.62 -4.17
CA ALA A 100 15.37 -14.61 -3.23
C ALA A 100 14.16 -15.28 -3.87
N VAL A 101 14.21 -16.59 -4.05
CA VAL A 101 13.08 -17.35 -4.59
C VAL A 101 12.68 -18.38 -3.54
N GLY A 102 11.58 -18.12 -2.84
CA GLY A 102 11.17 -19.04 -1.78
C GLY A 102 10.15 -18.36 -0.88
N GLY A 103 10.12 -18.82 0.38
CA GLY A 103 9.25 -18.23 1.37
C GLY A 103 9.99 -17.29 2.31
N GLY A 104 9.37 -17.05 3.47
CA GLY A 104 9.92 -16.08 4.40
C GLY A 104 11.29 -16.44 4.94
N SER A 105 11.59 -17.74 5.07
CA SER A 105 12.93 -18.10 5.52
C SER A 105 13.98 -17.72 4.47
N VAL A 106 13.69 -17.99 3.20
CA VAL A 106 14.61 -17.60 2.13
C VAL A 106 14.71 -16.08 2.01
N ILE A 107 13.59 -15.36 2.09
CA ILE A 107 13.67 -13.91 1.95
C ILE A 107 14.38 -13.29 3.17
N ASP A 108 14.02 -13.72 4.38
CA ASP A 108 14.72 -13.22 5.58
C ASP A 108 16.21 -13.50 5.51
N CYS A 109 16.59 -14.69 5.04
CA CYS A 109 18.00 -15.02 4.92
C CYS A 109 18.68 -14.10 3.93
N THR A 110 18.02 -13.83 2.80
CA THR A 110 18.59 -12.96 1.77
C THR A 110 18.81 -11.54 2.29
N LYS A 111 17.87 -11.02 3.08
CA LYS A 111 18.05 -9.71 3.71
C LYS A 111 19.29 -9.68 4.60
N ALA A 112 19.51 -10.73 5.38
CA ALA A 112 20.68 -10.76 6.26
C ALA A 112 21.97 -10.85 5.46
N ILE A 113 21.94 -11.58 4.34
CA ILE A 113 23.11 -11.59 3.46
C ILE A 113 23.34 -10.22 2.85
N ALA A 114 22.26 -9.56 2.40
CA ALA A 114 22.39 -8.26 1.73
C ALA A 114 23.04 -7.23 2.64
N ALA A 115 22.66 -7.24 3.93
CA ALA A 115 23.27 -6.34 4.90
C ALA A 115 24.64 -6.85 5.33
N GLY A 116 24.77 -8.16 5.53
CA GLY A 116 26.05 -8.73 5.90
C GLY A 116 27.14 -8.47 4.88
N ALA A 117 26.76 -8.35 3.60
CA ALA A 117 27.72 -8.11 2.53
C ALA A 117 28.37 -6.74 2.63
N LYS A 118 27.84 -5.84 3.45
CA LYS A 118 28.45 -4.53 3.65
C LYS A 118 29.01 -4.38 5.06
N TYR A 119 29.17 -5.47 5.79
CA TYR A 119 29.62 -5.44 7.18
C TYR A 119 30.82 -6.37 7.34
N ASP A 120 31.91 -5.83 7.90
CA ASP A 120 33.14 -6.61 8.11
C ASP A 120 33.12 -7.25 9.49
N GLY A 121 32.19 -8.19 9.64
CA GLY A 121 32.02 -8.89 10.90
C GLY A 121 31.00 -10.00 10.73
N ASP A 122 30.77 -10.73 11.82
CA ASP A 122 29.80 -11.81 11.81
C ASP A 122 28.40 -11.24 11.60
N ALA A 123 27.64 -11.80 10.65
CA ALA A 123 26.30 -11.29 10.40
C ALA A 123 25.41 -11.43 11.63
N TRP A 124 25.77 -12.30 12.58
CA TRP A 124 24.98 -12.41 13.81
C TRP A 124 24.97 -11.09 14.59
N ASP A 125 26.00 -10.25 14.42
CA ASP A 125 26.00 -8.94 15.05
C ASP A 125 24.87 -8.05 14.54
N ILE A 126 24.49 -8.21 13.27
CA ILE A 126 23.33 -7.50 12.74
C ILE A 126 22.05 -8.05 13.34
N VAL A 127 21.94 -9.38 13.42
CA VAL A 127 20.72 -9.99 13.95
C VAL A 127 20.47 -9.56 15.39
N THR A 128 21.53 -9.50 16.20
CA THR A 128 21.40 -9.13 17.61
C THR A 128 21.37 -7.62 17.85
N LYS A 129 21.33 -6.83 16.78
CA LYS A 129 21.26 -5.36 16.80
C LYS A 129 22.51 -4.73 17.37
N LYS A 130 23.60 -5.48 17.52
CA LYS A 130 24.88 -4.89 17.91
C LYS A 130 25.40 -3.97 16.83
N HIS A 131 25.21 -4.34 15.57
CA HIS A 131 25.60 -3.50 14.44
C HIS A 131 24.35 -3.06 13.69
N GLN A 132 24.17 -1.75 13.56
CA GLN A 132 23.12 -1.22 12.70
C GLN A 132 23.62 -1.14 11.27
N PRO A 133 22.97 -1.80 10.31
CA PRO A 133 23.45 -1.72 8.93
C PRO A 133 23.48 -0.28 8.44
N LYS A 134 24.58 0.09 7.79
CA LYS A 134 24.70 1.40 7.18
C LYS A 134 24.58 1.34 5.66
N ASP A 135 24.50 0.15 5.10
CA ASP A 135 24.41 -0.08 3.66
C ASP A 135 24.01 -1.53 3.48
N ALA A 136 23.58 -1.87 2.27
CA ALA A 136 23.19 -3.24 1.93
C ALA A 136 23.17 -3.38 0.42
N LEU A 137 23.42 -4.60 -0.05
CA LEU A 137 23.19 -4.91 -1.44
C LEU A 137 21.69 -4.88 -1.75
N PRO A 138 21.32 -4.49 -2.97
CA PRO A 138 19.91 -4.55 -3.37
C PRO A 138 19.48 -5.98 -3.66
N PHE A 139 18.18 -6.23 -3.51
CA PHE A 139 17.69 -7.57 -3.83
C PHE A 139 16.21 -7.49 -4.20
N GLY A 140 15.73 -8.57 -4.82
CA GLY A 140 14.31 -8.75 -5.11
C GLY A 140 13.88 -10.17 -4.79
N THR A 141 12.58 -10.44 -4.92
CA THR A 141 12.06 -11.76 -4.56
C THR A 141 11.07 -12.28 -5.58
N VAL A 142 10.96 -13.61 -5.61
CA VAL A 142 9.84 -14.33 -6.22
C VAL A 142 9.23 -15.18 -5.11
N LEU A 143 8.01 -14.83 -4.68
CA LEU A 143 7.42 -15.43 -3.48
C LEU A 143 6.77 -16.76 -3.81
N THR A 144 7.06 -17.79 -3.00
CA THR A 144 6.50 -19.11 -3.25
C THR A 144 5.59 -19.63 -2.14
N LEU A 145 5.30 -18.82 -1.12
CA LEU A 145 4.45 -19.22 -0.01
C LEU A 145 3.71 -17.98 0.48
N ALA A 146 2.39 -18.06 0.61
CA ALA A 146 1.61 -16.90 1.03
C ALA A 146 1.41 -16.94 2.54
N ALA A 147 1.88 -15.91 3.28
CA ALA A 147 2.70 -14.77 2.87
C ALA A 147 3.17 -14.09 4.16
N THR A 148 4.46 -14.14 4.48
CA THR A 148 4.88 -13.59 5.78
C THR A 148 4.89 -12.08 5.81
N GLY A 149 4.96 -11.41 4.65
CA GLY A 149 5.21 -10.00 4.60
C GLY A 149 6.67 -9.64 4.35
N SER A 150 7.57 -10.61 4.52
CA SER A 150 8.98 -10.35 4.27
C SER A 150 9.20 -9.84 2.84
N GLU A 151 8.39 -10.32 1.90
CA GLU A 151 8.45 -9.90 0.51
C GLU A 151 8.15 -8.43 0.31
N MET A 152 7.70 -7.71 1.33
CA MET A 152 7.48 -6.27 1.17
C MET A 152 7.69 -5.52 2.48
N ASN A 153 8.50 -6.05 3.38
CA ASN A 153 8.81 -5.32 4.61
C ASN A 153 10.31 -5.32 4.86
N SER A 154 10.72 -4.72 5.98
CA SER A 154 12.12 -4.43 6.22
C SER A 154 12.74 -5.33 7.29
N GLY A 155 12.05 -6.42 7.67
CA GLY A 155 12.50 -7.24 8.78
C GLY A 155 12.98 -8.63 8.39
N SER A 156 13.68 -9.28 9.31
CA SER A 156 14.33 -10.55 9.02
C SER A 156 14.55 -11.27 10.34
N VAL A 157 14.22 -12.56 10.40
CA VAL A 157 14.28 -13.32 11.65
C VAL A 157 15.23 -14.50 11.45
N ILE A 158 16.33 -14.51 12.20
CA ILE A 158 17.44 -15.43 11.95
C ILE A 158 17.72 -16.23 13.22
N THR A 159 18.03 -17.51 13.04
CA THR A 159 18.33 -18.44 14.12
C THR A 159 19.84 -18.67 14.20
N ASN A 160 20.35 -18.66 15.43
CA ASN A 160 21.69 -19.16 15.73
C ASN A 160 21.47 -20.53 16.34
N TRP A 161 21.73 -21.58 15.55
CA TRP A 161 21.47 -22.93 16.03
C TRP A 161 22.49 -23.37 17.07
N GLU A 162 23.66 -22.76 17.12
CA GLU A 162 24.65 -23.13 18.13
C GLU A 162 24.25 -22.62 19.50
N THR A 163 23.81 -21.36 19.59
CA THR A 163 23.40 -20.76 20.85
C THR A 163 21.92 -20.97 21.16
N LYS A 164 21.15 -21.54 20.23
CA LYS A 164 19.70 -21.72 20.35
C LYS A 164 19.01 -20.39 20.65
N GLU A 165 19.17 -19.46 19.72
CA GLU A 165 18.55 -18.13 19.76
C GLU A 165 17.92 -17.85 18.41
N LYS A 166 16.80 -17.12 18.43
CA LYS A 166 16.16 -16.68 17.19
C LYS A 166 15.66 -15.27 17.39
N TYR A 167 16.16 -14.32 16.61
CA TYR A 167 15.86 -12.90 16.78
C TYR A 167 15.45 -12.26 15.46
N GLY A 168 14.56 -11.28 15.56
CA GLY A 168 14.22 -10.43 14.43
C GLY A 168 15.00 -9.15 14.49
N TRP A 169 15.36 -8.63 13.32
CA TRP A 169 16.02 -7.35 13.18
C TRP A 169 15.45 -6.70 11.91
N GLY A 170 15.66 -5.40 11.76
CA GLY A 170 15.17 -4.73 10.57
C GLY A 170 15.99 -3.50 10.21
N SER A 171 15.79 -3.06 8.97
CA SER A 171 16.46 -1.88 8.46
C SER A 171 15.76 -1.43 7.18
N PRO A 172 15.48 -0.14 6.99
CA PRO A 172 14.88 0.29 5.72
C PRO A 172 15.77 -0.01 4.54
N LEU A 173 17.05 -0.27 4.78
CA LEU A 173 17.95 -0.63 3.69
C LEU A 173 17.69 -2.03 3.14
N VAL A 174 16.88 -2.86 3.80
CA VAL A 174 16.64 -4.20 3.26
C VAL A 174 15.16 -4.44 2.93
N PHE A 175 14.39 -3.39 2.66
CA PHE A 175 13.16 -3.57 1.90
C PHE A 175 13.52 -4.20 0.54
N PRO A 176 12.79 -5.21 0.08
CA PRO A 176 13.00 -5.71 -1.29
C PRO A 176 12.73 -4.61 -2.31
N LYS A 177 13.52 -4.61 -3.38
CA LYS A 177 13.26 -3.65 -4.46
C LYS A 177 11.96 -3.98 -5.18
N PHE A 178 11.75 -5.26 -5.48
CA PHE A 178 10.55 -5.73 -6.15
C PHE A 178 10.27 -7.15 -5.70
N SER A 179 9.01 -7.55 -5.82
CA SER A 179 8.60 -8.90 -5.49
C SER A 179 7.56 -9.36 -6.49
N ILE A 180 7.78 -10.54 -7.05
CA ILE A 180 6.88 -11.12 -8.03
C ILE A 180 5.96 -12.09 -7.31
N LEU A 181 4.65 -11.88 -7.46
CA LEU A 181 3.61 -12.57 -6.70
C LEU A 181 2.68 -13.30 -7.67
N ASP A 182 2.92 -14.58 -7.90
CA ASP A 182 2.12 -15.39 -8.82
C ASP A 182 1.45 -16.51 -8.02
N PRO A 183 0.12 -16.57 -7.96
CA PRO A 183 -0.52 -17.66 -7.20
C PRO A 183 -0.04 -19.04 -7.62
N VAL A 184 0.27 -19.24 -8.91
CA VAL A 184 0.77 -20.54 -9.37
C VAL A 184 2.03 -20.94 -8.61
N ASN A 185 2.87 -19.98 -8.21
CA ASN A 185 4.10 -20.34 -7.53
C ASN A 185 3.88 -20.82 -6.11
N THR A 186 2.64 -20.77 -5.62
CA THR A 186 2.29 -21.31 -4.31
C THR A 186 1.52 -22.62 -4.39
N PHE A 187 1.26 -23.14 -5.60
CA PHE A 187 0.41 -24.32 -5.72
C PHE A 187 0.95 -25.49 -4.91
N THR A 188 2.27 -25.71 -4.88
CA THR A 188 2.79 -26.92 -4.26
C THR A 188 3.16 -26.75 -2.79
N VAL A 189 2.85 -25.61 -2.18
CA VAL A 189 3.04 -25.48 -0.74
C VAL A 189 2.21 -26.55 -0.07
N PRO A 190 2.83 -27.41 0.74
CA PRO A 190 2.09 -28.51 1.39
C PRO A 190 1.03 -27.98 2.36
N LYS A 191 0.14 -28.88 2.74
CA LYS A 191 -1.02 -28.52 3.56
C LYS A 191 -0.58 -27.79 4.84
N ASN A 192 0.42 -28.34 5.54
CA ASN A 192 0.80 -27.75 6.83
C ASN A 192 1.33 -26.32 6.67
N HIS A 193 2.23 -26.09 5.72
CA HIS A 193 2.74 -24.74 5.53
C HIS A 193 1.73 -23.81 4.88
N THR A 194 0.75 -24.35 4.15
CA THR A 194 -0.37 -23.52 3.70
C THR A 194 -1.16 -22.99 4.89
N ILE A 195 -1.44 -23.87 5.86
CA ILE A 195 -2.08 -23.46 7.11
C ILE A 195 -1.21 -22.43 7.83
N TYR A 196 0.07 -22.72 8.00
CA TYR A 196 0.95 -21.79 8.71
C TYR A 196 0.97 -20.41 8.06
N GLY A 197 1.03 -20.36 6.73
CA GLY A 197 1.01 -19.07 6.06
C GLY A 197 -0.23 -18.26 6.39
N MET A 198 -1.38 -18.91 6.48
CA MET A 198 -2.61 -18.19 6.77
C MET A 198 -2.70 -17.78 8.24
N VAL A 199 -2.21 -18.63 9.16
CA VAL A 199 -2.13 -18.25 10.57
C VAL A 199 -1.28 -17.01 10.73
N ASP A 200 -0.14 -16.97 10.03
CA ASP A 200 0.75 -15.83 10.10
C ASP A 200 0.08 -14.57 9.53
N MET A 201 -0.55 -14.69 8.34
CA MET A 201 -1.28 -13.56 7.77
C MET A 201 -2.27 -12.98 8.77
N MET A 202 -3.11 -13.86 9.34
CA MET A 202 -4.11 -13.39 10.28
C MET A 202 -3.47 -12.70 11.48
N SER A 203 -2.32 -13.21 11.94
CA SER A 203 -1.71 -12.64 13.14
CA SER A 203 -1.67 -12.65 13.13
C SER A 203 -1.19 -11.22 12.90
N HIS A 204 -0.72 -10.91 11.68
CA HIS A 204 -0.33 -9.53 11.41
C HIS A 204 -1.53 -8.60 11.51
N VAL A 205 -2.69 -9.06 11.07
CA VAL A 205 -3.89 -8.24 11.15
C VAL A 205 -4.29 -8.03 12.61
N PHE A 206 -4.22 -9.07 13.43
CA PHE A 206 -4.49 -8.91 14.85
C PHE A 206 -3.54 -7.90 15.48
N GLU A 207 -2.25 -7.97 15.13
CA GLU A 207 -1.28 -7.04 15.72
C GLU A 207 -1.66 -5.60 15.41
N GLN A 208 -2.05 -5.32 14.16
CA GLN A 208 -2.49 -3.98 13.79
C GLN A 208 -3.72 -3.58 14.59
N TYR A 209 -4.70 -4.48 14.67
CA TYR A 209 -5.99 -4.18 15.30
C TYR A 209 -5.82 -3.86 16.77
N PHE A 210 -4.85 -4.48 17.44
CA PHE A 210 -4.65 -4.28 18.88
C PHE A 210 -3.90 -2.99 19.21
N HIS A 211 -3.35 -2.27 18.23
CA HIS A 211 -2.74 -0.98 18.53
C HIS A 211 -3.75 -0.06 19.21
N HIS A 212 -3.28 0.78 20.11
CA HIS A 212 -4.15 1.71 20.82
C HIS A 212 -4.31 3.02 20.05
N VAL A 213 -5.55 3.47 19.89
CA VAL A 213 -5.93 4.77 19.31
C VAL A 213 -5.08 5.13 18.08
N SER A 214 -4.88 4.15 17.19
CA SER A 214 -4.16 4.40 15.95
C SER A 214 -4.75 3.59 14.78
N ASN A 215 -6.04 3.28 14.87
CA ASN A 215 -6.81 2.70 13.77
C ASN A 215 -8.01 3.59 13.51
N THR A 216 -8.24 3.94 12.23
CA THR A 216 -9.49 4.61 11.94
C THR A 216 -10.62 3.58 11.90
N PRO A 217 -11.87 4.01 12.10
CA PRO A 217 -12.99 3.07 11.96
C PRO A 217 -13.00 2.35 10.62
N TYR A 218 -12.68 3.04 9.52
CA TYR A 218 -12.70 2.33 8.25
C TYR A 218 -11.59 1.27 8.19
N GLN A 219 -10.41 1.60 8.74
CA GLN A 219 -9.32 0.65 8.85
C GLN A 219 -9.75 -0.60 9.62
N ASP A 220 -10.51 -0.41 10.70
CA ASP A 220 -11.05 -1.54 11.45
C ASP A 220 -11.93 -2.40 10.56
N ARG A 221 -12.80 -1.77 9.76
CA ARG A 221 -13.66 -2.53 8.86
C ARG A 221 -12.83 -3.30 7.86
N MET A 222 -11.76 -2.69 7.35
CA MET A 222 -10.87 -3.39 6.40
C MET A 222 -10.24 -4.61 7.04
N CYS A 223 -9.75 -4.47 8.28
CA CYS A 223 -9.12 -5.59 8.99
C CYS A 223 -10.13 -6.71 9.26
N GLU A 224 -11.33 -6.33 9.71
CA GLU A 224 -12.37 -7.31 9.98
C GLU A 224 -12.75 -8.06 8.72
N SER A 225 -12.90 -7.34 7.59
CA SER A 225 -13.26 -8.00 6.33
C SER A 225 -12.16 -8.95 5.87
N LEU A 226 -10.91 -8.54 6.00
CA LEU A 226 -9.76 -9.41 5.61
C LEU A 226 -9.80 -10.72 6.41
N LEU A 227 -9.92 -10.57 7.73
CA LEU A 227 -9.97 -11.77 8.56
C LEU A 227 -11.12 -12.67 8.15
N ARG A 228 -12.31 -12.09 7.93
CA ARG A 228 -13.45 -12.92 7.56
C ARG A 228 -13.19 -13.69 6.28
N THR A 229 -12.54 -13.03 5.30
CA THR A 229 -12.30 -13.68 4.00
C THR A 229 -11.28 -14.80 4.13
N VAL A 230 -10.22 -14.61 4.91
CA VAL A 230 -9.27 -15.69 5.12
C VAL A 230 -9.99 -16.85 5.81
N ILE A 231 -10.83 -16.55 6.80
CA ILE A 231 -11.55 -17.59 7.54
C ILE A 231 -12.47 -18.38 6.63
N GLU A 232 -13.14 -17.70 5.70
CA GLU A 232 -14.03 -18.38 4.76
C GLU A 232 -13.25 -19.20 3.74
N THR A 233 -12.08 -18.72 3.33
CA THR A 233 -11.33 -19.31 2.23
C THR A 233 -10.47 -20.49 2.68
N ALA A 234 -9.88 -20.40 3.88
CA ALA A 234 -8.90 -21.39 4.36
C ALA A 234 -9.41 -22.82 4.31
N PRO A 235 -10.59 -23.16 4.83
CA PRO A 235 -11.02 -24.57 4.77
C PRO A 235 -11.15 -25.10 3.35
N LYS A 236 -11.56 -24.25 2.40
CA LYS A 236 -11.67 -24.71 1.02
C LYS A 236 -10.31 -24.97 0.42
N LEU A 237 -9.35 -24.08 0.69
CA LEU A 237 -8.02 -24.22 0.11
C LEU A 237 -7.33 -25.47 0.61
N ILE A 238 -7.44 -25.75 1.91
N ILE A 238 -7.45 -25.77 1.91
CA ILE A 238 -6.75 -26.88 2.51
CA ILE A 238 -6.69 -26.89 2.46
C ILE A 238 -7.11 -28.18 1.80
C ILE A 238 -7.14 -28.22 1.89
N ASN A 239 -8.34 -28.28 1.31
CA ASN A 239 -8.83 -29.51 0.69
C ASN A 239 -8.75 -29.47 -0.84
N ASP A 240 -8.17 -28.41 -1.41
CA ASP A 240 -8.08 -28.22 -2.85
C ASP A 240 -6.88 -27.32 -3.10
N LEU A 241 -5.67 -27.86 -2.88
CA LEU A 241 -4.49 -27.01 -2.79
C LEU A 241 -4.02 -26.47 -4.13
N GLU A 242 -4.37 -27.08 -5.25
CA GLU A 242 -3.93 -26.58 -6.55
C GLU A 242 -5.03 -25.81 -7.28
N ASN A 243 -5.94 -25.23 -6.52
CA ASN A 243 -7.03 -24.42 -7.05
C ASN A 243 -6.55 -22.98 -7.22
N TYR A 244 -6.59 -22.48 -8.46
CA TYR A 244 -6.02 -21.16 -8.73
C TYR A 244 -6.75 -20.06 -7.97
N GLU A 245 -8.08 -20.04 -8.02
CA GLU A 245 -8.80 -18.92 -7.41
C GLU A 245 -8.61 -18.91 -5.89
N LEU A 246 -8.56 -20.09 -5.26
CA LEU A 246 -8.36 -20.13 -3.82
C LEU A 246 -6.94 -19.68 -3.46
N ARG A 247 -5.93 -20.17 -4.18
CA ARG A 247 -4.57 -19.70 -3.94
C ARG A 247 -4.44 -18.20 -4.21
N GLU A 248 -5.15 -17.71 -5.24
CA GLU A 248 -5.13 -16.29 -5.56
C GLU A 248 -5.74 -15.44 -4.44
N THR A 249 -6.86 -15.87 -3.88
CA THR A 249 -7.49 -15.14 -2.79
C THR A 249 -6.54 -15.00 -1.61
N ILE A 250 -5.92 -16.10 -1.21
CA ILE A 250 -5.00 -16.05 -0.07
C ILE A 250 -3.75 -15.24 -0.41
N LEU A 251 -3.23 -15.35 -1.64
CA LEU A 251 -2.06 -14.53 -1.96
C LEU A 251 -2.42 -13.05 -1.95
N TYR A 252 -3.58 -12.69 -2.51
CA TYR A 252 -3.95 -11.27 -2.59
C TYR A 252 -4.20 -10.71 -1.20
N THR A 253 -5.01 -11.41 -0.38
CA THR A 253 -5.30 -10.91 0.96
C THR A 253 -4.06 -10.86 1.83
N GLY A 254 -3.06 -11.73 1.57
CA GLY A 254 -1.84 -11.72 2.34
C GLY A 254 -0.76 -10.81 1.84
N THR A 255 -0.95 -10.14 0.71
CA THR A 255 0.07 -9.25 0.17
C THR A 255 -0.51 -7.87 -0.09
N ILE A 256 -1.02 -7.63 -1.32
CA ILE A 256 -1.44 -6.29 -1.74
C ILE A 256 -2.48 -5.73 -0.77
N ALA A 257 -3.47 -6.53 -0.40
CA ALA A 257 -4.58 -6.00 0.39
C ALA A 257 -4.07 -5.35 1.67
N LEU A 258 -3.06 -5.96 2.30
CA LEU A 258 -2.59 -5.49 3.59
C LEU A 258 -1.95 -4.12 3.52
N ASN A 259 -1.48 -3.68 2.35
CA ASN A 259 -0.92 -2.33 2.25
C ASN A 259 -1.97 -1.26 2.50
N GLY A 260 -3.25 -1.62 2.47
CA GLY A 260 -4.32 -0.69 2.75
C GLY A 260 -4.70 -0.59 4.21
N MET A 261 -4.06 -1.38 5.10
CA MET A 261 -4.47 -1.36 6.50
C MET A 261 -3.34 -1.59 7.50
N LEU A 262 -2.18 -2.15 7.13
CA LEU A 262 -1.15 -2.46 8.10
C LEU A 262 -0.14 -1.32 8.20
N SER A 263 0.03 -0.79 9.41
CA SER A 263 1.08 0.16 9.70
C SER A 263 2.44 -0.54 9.67
N MET A 264 3.50 0.26 9.60
CA MET A 264 4.85 -0.29 9.68
C MET A 264 5.08 -1.04 10.98
N GLY A 265 4.42 -0.61 12.07
CA GLY A 265 4.56 -1.32 13.33
C GLY A 265 4.00 -2.73 13.25
N ALA A 266 2.87 -2.90 12.55
CA ALA A 266 2.31 -4.24 12.37
C ALA A 266 3.17 -5.06 11.42
N ARG A 267 3.69 -4.44 10.36
CA ARG A 267 4.63 -5.18 9.51
C ARG A 267 5.95 -5.46 10.22
N GLY A 268 6.22 -4.78 11.34
CA GLY A 268 7.40 -5.07 12.13
C GLY A 268 7.11 -5.89 13.36
N ASP A 269 6.04 -6.68 13.31
CA ASP A 269 5.63 -7.40 14.51
C ASP A 269 6.52 -8.59 14.81
N TRP A 270 7.57 -8.81 14.03
CA TRP A 270 8.59 -9.78 14.43
C TRP A 270 9.24 -9.38 15.75
N ALA A 271 9.06 -8.14 16.19
CA ALA A 271 9.55 -7.74 17.51
C ALA A 271 8.58 -8.07 18.64
N THR A 272 7.42 -8.66 18.34
CA THR A 272 6.38 -8.90 19.34
C THR A 272 6.12 -10.39 19.57
N HIS A 273 6.99 -11.27 19.09
CA HIS A 273 6.77 -12.70 19.25
C HIS A 273 7.97 -13.37 19.92
N ASN A 274 8.38 -12.82 21.06
CA ASN A 274 9.53 -13.37 21.78
C ASN A 274 9.33 -14.82 22.18
N ILE A 275 8.11 -15.20 22.58
CA ILE A 275 7.89 -16.57 23.06
C ILE A 275 7.99 -17.56 21.91
N GLU A 276 7.29 -17.29 20.79
CA GLU A 276 7.40 -18.15 19.61
C GLU A 276 8.85 -18.28 19.18
N HIS A 277 9.60 -17.18 19.21
CA HIS A 277 11.00 -17.24 18.80
C HIS A 277 11.79 -18.19 19.69
N ALA A 278 11.55 -18.13 21.01
CA ALA A 278 12.33 -18.96 21.93
C ALA A 278 12.01 -20.43 21.74
N VAL A 279 10.74 -20.74 21.48
CA VAL A 279 10.37 -22.14 21.26
C VAL A 279 10.95 -22.64 19.94
N SER A 280 10.91 -21.82 18.89
CA SER A 280 11.57 -22.20 17.64
C SER A 280 13.08 -22.26 17.79
N ALA A 281 13.66 -21.42 18.65
CA ALA A 281 15.11 -21.45 18.85
C ALA A 281 15.56 -22.77 19.44
N VAL A 282 14.76 -23.36 20.32
CA VAL A 282 15.12 -24.60 21.00
C VAL A 282 14.68 -25.82 20.21
N TYR A 283 13.47 -25.81 19.64
CA TYR A 283 12.91 -27.00 19.04
C TYR A 283 12.73 -26.93 17.53
N ASP A 284 12.99 -25.78 16.91
CA ASP A 284 12.95 -25.60 15.46
C ASP A 284 11.55 -25.78 14.88
N ILE A 285 10.50 -25.55 15.66
CA ILE A 285 9.12 -25.67 15.15
C ILE A 285 8.81 -24.50 14.23
N PRO A 286 7.83 -24.63 13.34
CA PRO A 286 7.48 -23.50 12.46
C PRO A 286 6.98 -22.34 13.30
N HIS A 287 7.34 -21.13 12.89
CA HIS A 287 6.94 -19.94 13.63
C HIS A 287 5.42 -19.88 13.83
N ALA A 288 4.66 -20.11 12.75
CA ALA A 288 3.21 -20.00 12.87
C ALA A 288 2.59 -21.21 13.56
N GLY A 289 3.29 -22.34 13.64
CA GLY A 289 2.86 -23.38 14.58
C GLY A 289 2.94 -22.89 16.00
N GLY A 290 4.04 -22.23 16.35
CA GLY A 290 4.13 -21.54 17.62
C GLY A 290 3.02 -20.54 17.83
N LEU A 291 2.72 -19.74 16.80
CA LEU A 291 1.61 -18.78 16.93
C LEU A 291 0.30 -19.50 17.27
N ALA A 292 -0.04 -20.55 16.52
CA ALA A 292 -1.30 -21.24 16.78
C ALA A 292 -1.35 -21.78 18.20
N ILE A 293 -0.21 -22.22 18.74
CA ILE A 293 -0.19 -22.79 20.10
C ILE A 293 -0.23 -21.69 21.16
N LEU A 294 0.53 -20.62 20.96
CA LEU A 294 0.84 -19.67 22.03
C LEU A 294 0.05 -18.37 21.94
N PHE A 295 -0.20 -17.87 20.72
CA PHE A 295 -0.83 -16.55 20.57
C PHE A 295 -2.19 -16.47 21.24
N PRO A 296 -3.11 -17.43 21.08
CA PRO A 296 -4.38 -17.31 21.80
C PRO A 296 -4.21 -17.26 23.30
N ASN A 297 -3.25 -18.01 23.85
CA ASN A 297 -3.04 -17.97 25.29
C ASN A 297 -2.37 -16.67 25.72
N TRP A 298 -1.53 -16.08 24.87
CA TRP A 298 -1.06 -14.73 25.14
C TRP A 298 -2.22 -13.73 25.14
N MET A 299 -3.15 -13.87 24.19
CA MET A 299 -4.32 -12.98 24.17
C MET A 299 -5.14 -13.11 25.45
N ARG A 300 -5.32 -14.34 25.94
CA ARG A 300 -6.06 -14.53 27.19
C ARG A 300 -5.31 -13.92 28.37
N HIS A 301 -3.99 -14.13 28.41
CA HIS A 301 -3.17 -13.65 29.51
C HIS A 301 -3.16 -12.13 29.60
N THR A 302 -3.29 -11.46 28.45
CA THR A 302 -3.17 -10.01 28.35
C THR A 302 -4.47 -9.31 27.96
N LEU A 303 -5.60 -10.01 27.96
CA LEU A 303 -6.88 -9.40 27.57
C LEU A 303 -7.09 -8.10 28.33
N SER A 304 -7.36 -7.02 27.59
N SER A 304 -7.34 -7.02 27.60
CA SER A 304 -7.49 -5.70 28.20
CA SER A 304 -7.42 -5.71 28.23
C SER A 304 -8.66 -5.67 29.17
C SER A 304 -8.65 -5.61 29.13
N GLU A 305 -8.49 -4.91 30.26
CA GLU A 305 -9.58 -4.74 31.21
C GLU A 305 -10.70 -3.89 30.64
N ASN A 306 -10.49 -3.23 29.50
CA ASN A 306 -11.56 -2.75 28.64
C ASN A 306 -11.53 -3.64 27.41
N PRO A 307 -12.30 -4.73 27.38
CA PRO A 307 -12.17 -5.70 26.28
C PRO A 307 -12.89 -5.28 25.01
N ALA A 308 -13.01 -3.97 24.79
CA ALA A 308 -13.80 -3.47 23.67
C ALA A 308 -13.27 -3.97 22.34
N ARG A 309 -11.94 -3.88 22.13
CA ARG A 309 -11.37 -4.25 20.84
C ARG A 309 -11.54 -5.74 20.57
N MET A 310 -11.27 -6.59 21.56
CA MET A 310 -11.42 -8.01 21.31
C MET A 310 -12.89 -8.40 21.25
N LYS A 311 -13.75 -7.70 22.00
CA LYS A 311 -15.20 -7.91 21.83
C LYS A 311 -15.60 -7.57 20.41
N GLN A 312 -15.09 -6.46 19.88
CA GLN A 312 -15.39 -6.07 18.49
C GLN A 312 -14.98 -7.16 17.51
N LEU A 313 -13.75 -7.68 17.66
CA LEU A 313 -13.34 -8.78 16.79
C LEU A 313 -14.22 -10.00 17.01
N ALA A 314 -14.53 -10.32 18.27
CA ALA A 314 -15.38 -11.48 18.54
C ALA A 314 -16.72 -11.39 17.83
N VAL A 315 -17.35 -10.21 17.88
CA VAL A 315 -18.66 -10.02 17.26
C VAL A 315 -18.54 -9.89 15.75
N ARG A 316 -17.63 -9.03 15.28
CA ARG A 316 -17.65 -8.64 13.87
C ARG A 316 -16.94 -9.66 12.98
N VAL A 317 -15.99 -10.42 13.51
CA VAL A 317 -15.26 -11.40 12.73
C VAL A 317 -15.72 -12.82 13.05
N PHE A 318 -15.88 -13.15 14.34
CA PHE A 318 -16.20 -14.52 14.73
C PHE A 318 -17.69 -14.70 15.01
N GLY A 319 -18.49 -13.67 14.74
CA GLY A 319 -19.93 -13.79 14.79
C GLY A 319 -20.51 -14.15 16.14
N VAL A 320 -19.78 -13.86 17.22
CA VAL A 320 -20.28 -14.18 18.56
C VAL A 320 -21.54 -13.37 18.83
N GLU A 321 -22.59 -14.06 19.29
CA GLU A 321 -23.82 -13.39 19.69
C GLU A 321 -23.69 -13.02 21.17
N GLU A 322 -23.73 -11.71 21.44
CA GLU A 322 -23.45 -11.16 22.76
C GLU A 322 -24.66 -11.13 23.69
N ALA A 323 -25.84 -11.55 23.22
CA ALA A 323 -27.03 -11.50 24.07
C ALA A 323 -26.84 -12.36 25.32
N GLY A 324 -27.08 -11.75 26.48
CA GLY A 324 -26.98 -12.43 27.75
C GLY A 324 -25.58 -12.71 28.22
N LYS A 325 -24.57 -12.09 27.63
CA LYS A 325 -23.17 -12.31 28.01
C LYS A 325 -22.51 -10.98 28.39
N THR A 326 -21.50 -11.07 29.26
CA THR A 326 -20.69 -9.90 29.53
C THR A 326 -19.74 -9.64 28.35
N ASP A 327 -19.25 -8.41 28.28
CA ASP A 327 -18.27 -8.07 27.25
C ASP A 327 -17.02 -8.93 27.36
N LYS A 328 -16.60 -9.26 28.58
CA LYS A 328 -15.42 -10.12 28.75
C LYS A 328 -15.71 -11.53 28.27
N GLU A 329 -16.88 -12.07 28.64
CA GLU A 329 -17.28 -13.38 28.12
C GLU A 329 -17.25 -13.41 26.59
N VAL A 330 -17.71 -12.33 25.94
CA VAL A 330 -17.73 -12.29 24.48
C VAL A 330 -16.32 -12.26 23.91
N ALA A 331 -15.45 -11.43 24.48
CA ALA A 331 -14.07 -11.33 24.02
C ALA A 331 -13.35 -12.67 24.16
N LEU A 332 -13.52 -13.32 25.31
CA LEU A 332 -12.89 -14.62 25.52
C LEU A 332 -13.49 -15.67 24.60
N GLU A 333 -14.80 -15.60 24.34
CA GLU A 333 -15.39 -16.52 23.37
C GLU A 333 -14.80 -16.30 21.99
N GLY A 334 -14.51 -15.04 21.64
CA GLY A 334 -13.87 -14.79 20.36
C GLY A 334 -12.51 -15.45 20.26
N ILE A 335 -11.73 -15.42 21.34
CA ILE A 335 -10.42 -16.08 21.33
C ILE A 335 -10.60 -17.59 21.21
N ASP A 336 -11.58 -18.14 21.95
CA ASP A 336 -11.93 -19.55 21.78
C ASP A 336 -12.26 -19.86 20.32
N LYS A 337 -13.07 -19.01 19.68
CA LYS A 337 -13.46 -19.28 18.31
C LYS A 337 -12.28 -19.19 17.35
N LEU A 338 -11.36 -18.25 17.60
CA LEU A 338 -10.14 -18.17 16.80
C LEU A 338 -9.34 -19.47 16.88
N SER A 339 -9.03 -19.92 18.11
CA SER A 339 -8.22 -21.12 18.27
C SER A 339 -8.95 -22.34 17.71
N ALA A 340 -10.26 -22.41 17.94
CA ALA A 340 -11.03 -23.52 17.36
C ALA A 340 -10.95 -23.50 15.84
N PHE A 341 -11.01 -22.30 15.24
CA PHE A 341 -10.90 -22.21 13.78
C PHE A 341 -9.53 -22.70 13.29
N TRP A 342 -8.45 -22.20 13.88
CA TRP A 342 -7.13 -22.66 13.44
C TRP A 342 -7.00 -24.17 13.61
N THR A 343 -7.50 -24.70 14.73
CA THR A 343 -7.46 -26.14 14.94
C THR A 343 -8.26 -26.89 13.88
N SER A 344 -9.40 -26.33 13.46
CA SER A 344 -10.24 -27.00 12.45
C SER A 344 -9.51 -27.14 11.12
N LEU A 345 -8.56 -26.24 10.81
CA LEU A 345 -7.74 -26.36 9.62
C LEU A 345 -6.70 -27.46 9.72
N GLY A 346 -6.32 -27.83 10.94
CA GLY A 346 -5.20 -28.73 11.19
C GLY A 346 -4.03 -28.09 11.91
N ALA A 347 -4.13 -26.83 12.31
CA ALA A 347 -3.03 -26.20 13.04
C ALA A 347 -2.89 -26.84 14.41
N PRO A 348 -1.68 -26.89 14.95
CA PRO A 348 -1.51 -27.43 16.30
C PRO A 348 -2.10 -26.47 17.31
N ASN A 349 -2.42 -27.00 18.50
CA ASN A 349 -2.91 -26.12 19.56
C ASN A 349 -2.27 -26.42 20.92
N ARG A 350 -1.35 -27.36 20.99
CA ARG A 350 -0.63 -27.66 22.23
C ARG A 350 0.83 -27.88 21.89
N LEU A 351 1.72 -27.51 22.81
CA LEU A 351 3.13 -27.85 22.63
C LEU A 351 3.29 -29.36 22.48
N ALA A 352 2.42 -30.15 23.12
CA ALA A 352 2.46 -31.60 22.97
C ALA A 352 2.37 -32.03 21.51
N ASP A 353 1.71 -31.24 20.66
CA ASP A 353 1.56 -31.62 19.25
C ASP A 353 2.89 -31.73 18.55
N TYR A 354 3.89 -30.97 19.03
CA TYR A 354 5.24 -31.03 18.50
C TYR A 354 6.17 -31.83 19.41
N ASP A 355 5.62 -32.68 20.26
CA ASP A 355 6.44 -33.53 21.13
C ASP A 355 7.28 -32.70 22.11
N ILE A 356 6.72 -31.58 22.55
CA ILE A 356 7.36 -30.69 23.52
C ILE A 356 6.65 -30.85 24.86
N ASN A 357 7.40 -31.23 25.90
CA ASN A 357 6.87 -31.30 27.26
C ASN A 357 7.33 -30.08 28.05
N ASP A 358 7.31 -30.17 29.38
CA ASP A 358 7.63 -29.01 30.20
C ASP A 358 9.11 -28.92 30.59
N GLU A 359 9.96 -29.80 30.05
CA GLU A 359 11.32 -29.94 30.56
C GLU A 359 12.15 -28.66 30.41
N GLN A 360 11.93 -27.89 29.33
CA GLN A 360 12.79 -26.74 29.05
C GLN A 360 12.05 -25.42 29.15
N LEU A 361 10.91 -25.39 29.85
CA LEU A 361 10.11 -24.16 29.89
C LEU A 361 10.88 -23.02 30.58
N ASP A 362 11.65 -23.33 31.63
CA ASP A 362 12.40 -22.26 32.28
C ASP A 362 13.46 -21.68 31.35
N THR A 363 14.17 -22.55 30.64
CA THR A 363 15.16 -22.08 29.67
C THR A 363 14.51 -21.28 28.57
N ILE A 364 13.34 -21.73 28.09
CA ILE A 364 12.65 -21.00 27.04
C ILE A 364 12.20 -19.63 27.53
N ALA A 365 11.74 -19.54 28.78
CA ALA A 365 11.32 -18.26 29.32
C ALA A 365 12.51 -17.29 29.42
N ASP A 366 13.66 -17.80 29.87
CA ASP A 366 14.87 -16.98 29.90
C ASP A 366 15.20 -16.46 28.50
N LYS A 367 15.11 -17.32 27.49
CA LYS A 367 15.43 -16.90 26.13
C LYS A 367 14.44 -15.85 25.63
N ALA A 368 13.16 -15.99 25.99
CA ALA A 368 12.17 -15.00 25.56
C ALA A 368 12.40 -13.65 26.23
N MET A 369 12.89 -13.64 27.48
CA MET A 369 13.12 -12.38 28.18
C MET A 369 14.44 -11.72 27.79
N ALA A 370 15.30 -12.41 27.05
CA ALA A 370 16.53 -11.82 26.56
C ALA A 370 16.26 -10.98 25.31
N GLN A 376 6.01 -1.16 27.72
CA GLN A 376 4.79 -0.38 27.86
C GLN A 376 3.70 -1.18 28.58
N PHE A 377 2.50 -0.61 28.65
CA PHE A 377 1.39 -1.25 29.34
C PHE A 377 1.17 -2.66 28.79
N LYS A 378 1.12 -3.63 29.70
CA LYS A 378 0.89 -5.07 29.45
C LYS A 378 2.14 -5.79 28.99
N SER A 379 3.33 -5.19 29.11
CA SER A 379 4.55 -5.91 28.76
C SER A 379 4.80 -7.07 29.74
N LEU A 380 5.46 -8.12 29.24
CA LEU A 380 5.56 -9.39 29.95
C LEU A 380 6.87 -9.50 30.73
N ASN A 381 6.81 -10.18 31.88
CA ASN A 381 8.00 -10.59 32.61
C ASN A 381 8.11 -12.12 32.55
N LYS A 382 9.11 -12.66 33.25
CA LYS A 382 9.40 -14.09 33.12
C LYS A 382 8.23 -14.93 33.61
N GLU A 383 7.60 -14.54 34.72
CA GLU A 383 6.43 -15.27 35.23
C GLU A 383 5.29 -15.25 34.20
N ASP A 384 5.09 -14.12 33.51
CA ASP A 384 4.09 -14.07 32.47
C ASP A 384 4.37 -15.10 31.39
N VAL A 385 5.62 -15.16 30.95
CA VAL A 385 5.99 -16.08 29.87
C VAL A 385 5.82 -17.53 30.34
N LEU A 386 6.25 -17.84 31.56
CA LEU A 386 6.10 -19.20 32.07
C LEU A 386 4.63 -19.61 32.12
N ALA A 387 3.77 -18.68 32.54
CA ALA A 387 2.35 -18.99 32.65
C ALA A 387 1.73 -19.27 31.29
N ILE A 388 2.11 -18.49 30.28
CA ILE A 388 1.62 -18.71 28.93
C ILE A 388 2.12 -20.06 28.39
N LEU A 389 3.40 -20.38 28.62
CA LEU A 389 3.95 -21.66 28.18
C LEU A 389 3.22 -22.82 28.86
N LYS A 390 3.06 -22.76 30.18
CA LYS A 390 2.37 -23.85 30.88
C LYS A 390 0.94 -24.00 30.39
N ALA A 391 0.26 -22.88 30.12
CA ALA A 391 -1.11 -22.93 29.63
C ALA A 391 -1.20 -23.56 28.27
N SER A 392 -0.07 -23.59 27.54
CA SER A 392 0.01 -24.06 26.18
C SER A 392 0.56 -25.48 26.05
N LEU A 393 0.84 -26.16 27.17
CA LEU A 393 1.46 -27.50 27.10
C LEU A 393 0.52 -28.50 26.45
N HIS B 8 0.72 -1.40 -16.62
CA HIS B 8 0.79 -1.08 -15.20
C HIS B 8 -0.38 -1.66 -14.42
N ASN B 9 -1.25 -2.43 -15.09
CA ASN B 9 -2.45 -2.89 -14.39
C ASN B 9 -2.17 -4.04 -13.44
N PHE B 10 -1.02 -4.70 -13.55
CA PHE B 10 -0.66 -5.78 -12.64
C PHE B 10 0.46 -5.37 -11.70
N THR B 11 0.81 -4.09 -11.67
CA THR B 11 1.90 -3.58 -10.86
C THR B 11 1.30 -2.72 -9.75
N TYR B 12 1.78 -2.94 -8.53
CA TYR B 12 1.29 -2.24 -7.35
C TYR B 12 2.53 -1.64 -6.68
N TRP B 13 2.65 -0.32 -6.73
CA TRP B 13 3.92 0.31 -6.36
C TRP B 13 3.63 1.68 -5.78
N ASN B 14 3.82 1.81 -4.47
CA ASN B 14 3.58 3.07 -3.77
C ASN B 14 4.72 3.29 -2.79
N PRO B 15 5.87 3.79 -3.26
CA PRO B 15 7.06 3.85 -2.39
C PRO B 15 7.09 5.02 -1.42
N THR B 16 6.11 5.93 -1.46
CA THR B 16 6.13 7.10 -0.60
C THR B 16 5.88 6.68 0.84
N LYS B 17 6.68 7.22 1.76
CA LYS B 17 6.46 6.99 3.19
C LYS B 17 5.30 7.87 3.67
N LEU B 18 4.25 7.26 4.19
CA LEU B 18 3.07 7.99 4.66
C LEU B 18 3.07 8.09 6.17
N ILE B 19 2.80 9.28 6.69
CA ILE B 19 2.64 9.51 8.12
C ILE B 19 1.26 10.12 8.33
N PHE B 20 0.40 9.42 9.08
CA PHE B 20 -1.01 9.76 9.15
C PHE B 20 -1.37 10.04 10.60
N GLY B 21 -1.95 11.20 10.87
CA GLY B 21 -2.51 11.44 12.18
C GLY B 21 -2.46 12.90 12.58
N ARG B 22 -3.14 13.20 13.68
CA ARG B 22 -3.25 14.57 14.17
C ARG B 22 -1.89 15.07 14.63
N GLY B 23 -1.50 16.25 14.14
CA GLY B 23 -0.26 16.88 14.55
C GLY B 23 0.99 16.33 13.92
N GLU B 24 0.89 15.48 12.88
CA GLU B 24 2.08 14.82 12.36
C GLU B 24 2.97 15.73 11.52
N VAL B 25 2.60 17.00 11.32
CA VAL B 25 3.56 17.95 10.78
C VAL B 25 4.80 18.02 11.67
N GLU B 26 4.68 17.65 12.95
CA GLU B 26 5.84 17.66 13.82
C GLU B 26 6.86 16.58 13.47
N ARG B 27 6.56 15.71 12.52
CA ARG B 27 7.53 14.73 12.03
C ARG B 27 8.46 15.29 10.96
N LEU B 28 8.26 16.55 10.54
CA LEU B 28 9.08 17.12 9.49
C LEU B 28 10.58 17.08 9.79
N PRO B 29 11.08 17.54 10.94
CA PRO B 29 12.54 17.48 11.16
C PRO B 29 13.11 16.08 11.03
N GLU B 30 12.45 15.08 11.62
CA GLU B 30 12.94 13.71 11.49
C GLU B 30 13.00 13.27 10.02
N GLU B 31 11.97 13.60 9.24
CA GLU B 31 11.93 13.17 7.85
C GLU B 31 12.89 13.96 6.97
N LEU B 32 13.15 15.22 7.33
CA LEU B 32 14.09 16.04 6.57
C LEU B 32 15.55 15.79 6.94
N LYS B 33 15.83 15.06 8.03
CA LYS B 33 17.18 14.98 8.54
C LYS B 33 18.18 14.46 7.50
N SER B 34 17.76 13.53 6.66
CA SER B 34 18.66 12.88 5.72
C SER B 34 18.85 13.66 4.42
N TYR B 35 18.17 14.78 4.25
CA TYR B 35 18.21 15.54 3.01
C TYR B 35 18.94 16.87 3.23
N GLY B 36 19.22 17.56 2.14
CA GLY B 36 19.97 18.79 2.20
C GLY B 36 19.23 19.90 2.94
N LYS B 37 19.97 20.98 3.22
CA LYS B 37 19.47 22.03 4.09
C LYS B 37 18.79 23.17 3.35
N ASN B 38 18.93 23.26 2.04
CA ASN B 38 18.29 24.32 1.27
C ASN B 38 16.96 23.79 0.76
N VAL B 39 15.86 24.29 1.31
CA VAL B 39 14.53 23.75 1.05
C VAL B 39 13.70 24.82 0.34
N LEU B 40 13.02 24.41 -0.74
CA LEU B 40 12.04 25.27 -1.41
C LEU B 40 10.65 24.85 -0.94
N LEU B 41 9.98 25.75 -0.22
CA LEU B 41 8.61 25.54 0.24
C LEU B 41 7.65 26.04 -0.83
N VAL B 42 6.82 25.13 -1.35
CA VAL B 42 5.92 25.40 -2.46
C VAL B 42 4.48 25.34 -1.94
N TYR B 43 3.69 26.37 -2.23
CA TYR B 43 2.30 26.35 -1.78
C TYR B 43 1.42 27.19 -2.71
N GLY B 44 0.14 27.23 -2.38
CA GLY B 44 -0.85 27.83 -3.26
C GLY B 44 -1.18 29.27 -2.96
N GLY B 45 -2.46 29.61 -3.03
CA GLY B 45 -2.90 30.99 -3.00
C GLY B 45 -3.09 31.62 -1.64
N GLY B 46 -2.79 30.91 -0.56
CA GLY B 46 -2.83 31.54 0.75
C GLY B 46 -3.66 30.82 1.78
N SER B 47 -4.41 29.80 1.37
CA SER B 47 -5.21 29.08 2.37
C SER B 47 -4.35 28.52 3.49
N ILE B 48 -3.11 28.10 3.21
CA ILE B 48 -2.31 27.54 4.30
C ILE B 48 -1.89 28.60 5.30
N LYS B 49 -1.86 29.87 4.90
CA LYS B 49 -1.61 30.91 5.90
C LYS B 49 -2.85 31.18 6.74
N ARG B 50 -4.03 31.17 6.11
CA ARG B 50 -5.25 31.44 6.85
C ARG B 50 -5.57 30.34 7.86
N SER B 51 -5.15 29.10 7.59
CA SER B 51 -5.43 28.01 8.51
C SER B 51 -4.42 27.92 9.64
N GLY B 52 -3.31 28.65 9.56
CA GLY B 52 -2.24 28.52 10.52
C GLY B 52 -1.23 27.47 10.19
N LEU B 53 -1.43 26.70 9.12
CA LEU B 53 -0.50 25.64 8.78
C LEU B 53 0.84 26.20 8.33
N TYR B 54 0.84 27.33 7.63
CA TYR B 54 2.09 27.94 7.18
C TYR B 54 3.03 28.20 8.35
N ASP B 55 2.54 28.85 9.42
CA ASP B 55 3.42 29.15 10.55
C ASP B 55 3.94 27.87 11.19
N GLN B 56 3.12 26.83 11.23
CA GLN B 56 3.56 25.56 11.80
C GLN B 56 4.66 24.94 10.96
N VAL B 57 4.52 24.99 9.64
CA VAL B 57 5.55 24.43 8.76
C VAL B 57 6.84 25.21 8.92
N ILE B 58 6.75 26.55 8.93
CA ILE B 58 7.94 27.37 9.13
C ILE B 58 8.62 27.02 10.45
N GLU B 59 7.82 26.83 11.50
CA GLU B 59 8.38 26.47 12.80
C GLU B 59 9.12 25.15 12.73
N GLN B 60 8.54 24.15 12.05
CA GLN B 60 9.20 22.87 11.91
C GLN B 60 10.45 22.99 11.05
N LEU B 61 10.40 23.81 10.00
CA LEU B 61 11.57 23.98 9.15
C LEU B 61 12.72 24.63 9.91
N ASN B 62 12.40 25.60 10.78
CA ASN B 62 13.42 26.18 11.64
C ASN B 62 14.00 25.14 12.58
N LYS B 63 13.14 24.30 13.17
CA LYS B 63 13.64 23.23 14.04
C LYS B 63 14.55 22.27 13.29
N ALA B 64 14.31 22.04 12.01
CA ALA B 64 15.16 21.19 11.20
C ALA B 64 16.45 21.88 10.75
N GLY B 65 16.60 23.18 11.04
CA GLY B 65 17.82 23.88 10.69
C GLY B 65 18.02 24.11 9.21
N VAL B 66 16.94 24.14 8.44
CA VAL B 66 17.01 24.29 6.99
C VAL B 66 16.88 25.77 6.61
N THR B 67 17.52 26.13 5.50
CA THR B 67 17.40 27.46 4.91
C THR B 67 16.23 27.47 3.93
N VAL B 68 15.23 28.32 4.19
CA VAL B 68 13.95 28.26 3.49
C VAL B 68 13.84 29.36 2.45
N HIS B 69 13.44 29.00 1.23
CA HIS B 69 12.90 29.93 0.25
C HIS B 69 11.54 29.42 -0.20
N GLU B 70 10.72 30.31 -0.77
CA GLU B 70 9.33 29.99 -1.04
C GLU B 70 8.97 30.23 -2.50
N LEU B 71 8.09 29.37 -3.01
CA LEU B 71 7.33 29.62 -4.23
C LEU B 71 5.87 29.63 -3.82
N ALA B 72 5.29 30.81 -3.72
CA ALA B 72 3.89 30.97 -3.35
C ALA B 72 3.04 31.13 -4.61
N GLY B 73 1.75 30.84 -4.47
CA GLY B 73 0.80 31.21 -5.51
C GLY B 73 0.58 30.19 -6.61
N VAL B 74 0.91 28.92 -6.38
CA VAL B 74 0.57 27.89 -7.35
C VAL B 74 -0.94 27.88 -7.55
N GLU B 75 -1.36 27.93 -8.82
CA GLU B 75 -2.76 28.00 -9.22
C GLU B 75 -3.37 26.62 -9.36
N PRO B 76 -4.65 26.48 -9.04
CA PRO B 76 -5.39 25.28 -9.45
C PRO B 76 -5.24 25.10 -10.96
N ASN B 77 -5.01 23.85 -11.40
CA ASN B 77 -4.55 23.57 -12.75
C ASN B 77 -3.23 24.30 -12.94
N PRO B 78 -2.15 23.80 -12.33
CA PRO B 78 -0.93 24.62 -12.21
C PRO B 78 -0.32 24.96 -13.57
N ARG B 79 0.13 26.21 -13.69
CA ARG B 79 0.66 26.74 -14.95
C ARG B 79 2.12 26.40 -15.13
N VAL B 80 2.50 26.13 -16.39
CA VAL B 80 3.91 25.84 -16.66
C VAL B 80 4.79 27.06 -16.40
N SER B 81 4.25 28.29 -16.50
CA SER B 81 5.07 29.45 -16.13
C SER B 81 5.46 29.39 -14.66
N THR B 82 4.55 28.91 -13.80
CA THR B 82 4.85 28.74 -12.39
C THR B 82 5.89 27.65 -12.17
N VAL B 83 5.81 26.57 -12.93
CA VAL B 83 6.84 25.53 -12.88
C VAL B 83 8.20 26.14 -13.20
N ASN B 84 8.28 26.84 -14.34
CA ASN B 84 9.56 27.43 -14.74
C ASN B 84 10.06 28.43 -13.71
N LYS B 85 9.15 29.16 -13.04
CA LYS B 85 9.57 30.07 -11.99
C LYS B 85 10.20 29.30 -10.84
N GLY B 86 9.60 28.17 -10.47
CA GLY B 86 10.17 27.34 -9.42
C GLY B 86 11.53 26.77 -9.79
N VAL B 87 11.69 26.38 -11.06
CA VAL B 87 12.98 25.86 -11.50
C VAL B 87 14.06 26.94 -11.35
N ALA B 88 13.74 28.19 -11.72
CA ALA B 88 14.70 29.27 -11.58
C ALA B 88 15.06 29.50 -10.11
N LEU B 89 14.07 29.41 -9.22
CA LEU B 89 14.34 29.54 -7.80
C LEU B 89 15.25 28.43 -7.30
N CYS B 90 15.08 27.22 -7.82
CA CYS B 90 15.96 26.12 -7.43
C CYS B 90 17.41 26.41 -7.81
N LYS B 91 17.62 26.95 -9.01
CA LYS B 91 18.98 27.32 -9.41
C LYS B 91 19.49 28.51 -8.60
N GLU B 92 18.63 29.51 -8.39
CA GLU B 92 19.05 30.72 -7.67
C GLU B 92 19.50 30.41 -6.25
N HIS B 93 18.75 29.54 -5.55
CA HIS B 93 18.98 29.31 -4.14
C HIS B 93 19.63 27.97 -3.84
N HIS B 94 20.09 27.26 -4.88
CA HIS B 94 20.81 26.00 -4.73
C HIS B 94 20.00 25.01 -3.90
N ILE B 95 18.74 24.85 -4.29
CA ILE B 95 17.77 24.07 -3.52
C ILE B 95 18.15 22.59 -3.56
N ASP B 96 18.11 21.95 -2.39
CA ASP B 96 18.36 20.52 -2.23
C ASP B 96 17.10 19.68 -2.20
N PHE B 97 15.98 20.25 -1.76
CA PHE B 97 14.80 19.48 -1.42
C PHE B 97 13.62 20.42 -1.49
N LEU B 98 12.49 19.94 -1.97
CA LEU B 98 11.26 20.73 -2.04
C LEU B 98 10.23 20.17 -1.07
N LEU B 99 9.45 21.06 -0.48
CA LEU B 99 8.35 20.65 0.39
C LEU B 99 7.07 21.23 -0.17
N ALA B 100 6.20 20.37 -0.67
CA ALA B 100 4.93 20.79 -1.23
C ALA B 100 3.89 20.77 -0.12
N VAL B 101 3.28 21.92 0.17
CA VAL B 101 2.23 22.01 1.18
C VAL B 101 0.98 22.55 0.48
N GLY B 102 0.03 21.66 0.22
CA GLY B 102 -1.17 22.06 -0.52
C GLY B 102 -1.90 20.83 -1.03
N GLY B 103 -2.65 21.04 -2.11
CA GLY B 103 -3.38 19.99 -2.76
C GLY B 103 -2.68 19.47 -4.00
N GLY B 104 -3.46 18.83 -4.87
CA GLY B 104 -2.89 18.18 -6.04
C GLY B 104 -2.24 19.14 -7.01
N SER B 105 -2.75 20.38 -7.09
CA SER B 105 -2.09 21.35 -7.96
C SER B 105 -0.70 21.70 -7.42
N VAL B 106 -0.59 21.91 -6.11
CA VAL B 106 0.71 22.21 -5.52
C VAL B 106 1.67 21.02 -5.65
N ILE B 107 1.19 19.80 -5.39
CA ILE B 107 2.09 18.65 -5.46
C ILE B 107 2.51 18.37 -6.91
N ASP B 108 1.55 18.37 -7.83
CA ASP B 108 1.88 18.21 -9.26
C ASP B 108 2.88 19.27 -9.71
N CYS B 109 2.68 20.52 -9.29
CA CYS B 109 3.61 21.57 -9.67
C CYS B 109 5.00 21.30 -9.11
N THR B 110 5.06 20.85 -7.85
CA THR B 110 6.34 20.58 -7.22
C THR B 110 7.08 19.48 -7.94
N LYS B 111 6.35 18.43 -8.37
CA LYS B 111 6.96 17.37 -9.17
C LYS B 111 7.59 17.91 -10.45
N ALA B 112 6.87 18.81 -11.13
CA ALA B 112 7.38 19.38 -12.37
C ALA B 112 8.59 20.27 -12.10
N ILE B 113 8.58 21.00 -10.99
CA ILE B 113 9.75 21.76 -10.59
C ILE B 113 10.92 20.83 -10.27
N ALA B 114 10.64 19.75 -9.53
CA ALA B 114 11.71 18.84 -9.13
C ALA B 114 12.41 18.23 -10.33
N ALA B 115 11.64 17.89 -11.37
CA ALA B 115 12.22 17.37 -12.60
C ALA B 115 12.83 18.47 -13.45
N GLY B 116 12.14 19.62 -13.54
CA GLY B 116 12.68 20.73 -14.31
C GLY B 116 14.03 21.20 -13.78
N ALA B 117 14.27 21.03 -12.49
CA ALA B 117 15.52 21.47 -11.89
C ALA B 117 16.73 20.69 -12.38
N LYS B 118 16.51 19.54 -13.03
CA LYS B 118 17.60 18.74 -13.59
C LYS B 118 17.57 18.72 -15.11
N TYR B 119 16.84 19.64 -15.73
CA TYR B 119 16.69 19.72 -17.18
C TYR B 119 17.05 21.13 -17.66
N ASP B 120 17.96 21.21 -18.61
CA ASP B 120 18.41 22.49 -19.17
C ASP B 120 17.55 22.84 -20.38
N GLY B 121 16.28 23.11 -20.08
CA GLY B 121 15.30 23.44 -21.11
C GLY B 121 14.00 23.83 -20.46
N ASP B 122 13.04 24.19 -21.30
CA ASP B 122 11.72 24.57 -20.81
C ASP B 122 11.02 23.35 -20.21
N ALA B 123 10.47 23.52 -19.00
CA ALA B 123 9.79 22.41 -18.34
C ALA B 123 8.60 21.89 -19.14
N TRP B 124 8.06 22.68 -20.05
CA TRP B 124 6.98 22.18 -20.89
C TRP B 124 7.43 21.00 -21.74
N ASP B 125 8.73 20.89 -22.02
CA ASP B 125 9.25 19.73 -22.73
C ASP B 125 9.05 18.44 -21.94
N ILE B 126 9.12 18.50 -20.61
CA ILE B 126 8.84 17.33 -19.79
C ILE B 126 7.35 17.00 -19.81
N VAL B 127 6.50 18.03 -19.71
CA VAL B 127 5.06 17.79 -19.69
C VAL B 127 4.61 17.14 -21.00
N THR B 128 5.14 17.61 -22.13
CA THR B 128 4.77 17.10 -23.44
C THR B 128 5.54 15.85 -23.84
N LYS B 129 6.34 15.30 -22.94
CA LYS B 129 7.11 14.08 -23.15
C LYS B 129 8.19 14.24 -24.22
N LYS B 130 8.54 15.49 -24.56
CA LYS B 130 9.67 15.74 -25.45
C LYS B 130 10.99 15.38 -24.77
N HIS B 131 11.10 15.64 -23.46
CA HIS B 131 12.27 15.23 -22.68
C HIS B 131 11.83 14.27 -21.59
N GLN B 132 12.44 13.09 -21.55
CA GLN B 132 12.23 12.17 -20.44
C GLN B 132 13.12 12.53 -19.28
N PRO B 133 12.58 12.78 -18.09
CA PRO B 133 13.44 13.10 -16.94
C PRO B 133 14.42 11.98 -16.64
N LYS B 134 15.69 12.36 -16.42
CA LYS B 134 16.73 11.42 -16.02
C LYS B 134 17.16 11.63 -14.57
N ASP B 135 16.62 12.65 -13.90
CA ASP B 135 16.98 12.96 -12.52
C ASP B 135 15.94 13.95 -12.03
N ALA B 136 15.89 14.12 -10.72
CA ALA B 136 14.95 15.06 -10.12
C ALA B 136 15.40 15.36 -8.70
N LEU B 137 15.12 16.58 -8.25
CA LEU B 137 15.33 16.89 -6.85
C LEU B 137 14.34 16.07 -6.01
N PRO B 138 14.72 15.66 -4.81
CA PRO B 138 13.79 14.99 -3.91
C PRO B 138 12.82 15.98 -3.30
N PHE B 139 11.65 15.47 -2.92
CA PHE B 139 10.66 16.34 -2.31
C PHE B 139 9.74 15.49 -1.44
N GLY B 140 9.01 16.16 -0.55
CA GLY B 140 7.97 15.54 0.25
C GLY B 140 6.76 16.45 0.28
N THR B 141 5.68 15.98 0.91
CA THR B 141 4.45 16.78 0.91
C THR B 141 3.82 16.81 2.29
N VAL B 142 3.04 17.87 2.52
CA VAL B 142 2.05 17.95 3.57
C VAL B 142 0.72 18.19 2.87
N LEU B 143 -0.17 17.20 2.89
CA LEU B 143 -1.37 17.25 2.09
C LEU B 143 -2.47 18.04 2.79
N THR B 144 -3.10 18.97 2.07
CA THR B 144 -4.13 19.81 2.66
C THR B 144 -5.52 19.62 2.05
N LEU B 145 -5.68 18.67 1.13
CA LEU B 145 -6.96 18.40 0.48
C LEU B 145 -7.01 16.92 0.17
N ALA B 146 -8.09 16.25 0.58
CA ALA B 146 -8.21 14.81 0.35
C ALA B 146 -9.00 14.55 -0.93
N ALA B 147 -8.40 13.86 -1.91
CA ALA B 147 -7.01 13.41 -2.02
C ALA B 147 -6.79 12.95 -3.47
N THR B 148 -5.96 13.65 -4.25
CA THR B 148 -5.83 13.26 -5.66
C THR B 148 -5.02 11.98 -5.86
N GLY B 149 -4.19 11.58 -4.90
CA GLY B 149 -3.22 10.55 -5.10
C GLY B 149 -1.83 11.06 -5.47
N SER B 150 -1.73 12.33 -5.87
CA SER B 150 -0.42 12.88 -6.20
C SER B 150 0.54 12.76 -5.03
N GLU B 151 0.03 12.84 -3.80
CA GLU B 151 0.84 12.70 -2.60
C GLU B 151 1.51 11.34 -2.49
N MET B 152 1.16 10.37 -3.35
CA MET B 152 1.83 9.07 -3.30
C MET B 152 1.89 8.40 -4.67
N ASN B 153 1.87 9.17 -5.75
CA ASN B 153 2.03 8.57 -7.08
C ASN B 153 3.08 9.36 -7.88
N SER B 154 3.29 8.94 -9.12
CA SER B 154 4.42 9.44 -9.90
C SER B 154 3.99 10.39 -11.01
N GLY B 155 2.74 10.86 -11.00
CA GLY B 155 2.22 11.66 -12.09
C GLY B 155 2.00 13.11 -11.73
N SER B 156 1.83 13.94 -12.77
CA SER B 156 1.74 15.38 -12.59
C SER B 156 1.01 15.94 -13.80
N VAL B 157 0.04 16.83 -13.58
CA VAL B 157 -0.79 17.34 -14.69
C VAL B 157 -0.65 18.86 -14.74
N ILE B 158 -0.07 19.36 -15.82
CA ILE B 158 0.36 20.75 -15.91
C ILE B 158 -0.33 21.43 -17.09
N THR B 159 -0.74 22.69 -16.90
CA THR B 159 -1.42 23.48 -17.91
C THR B 159 -0.47 24.47 -18.57
N ASN B 160 -0.54 24.57 -19.89
CA ASN B 160 0.04 25.67 -20.64
C ASN B 160 -1.14 26.58 -20.96
N TRP B 161 -1.27 27.66 -20.18
CA TRP B 161 -2.43 28.53 -20.33
C TRP B 161 -2.36 29.34 -21.62
N GLU B 162 -1.16 29.56 -22.15
CA GLU B 162 -1.04 30.31 -23.39
C GLU B 162 -1.55 29.50 -24.58
N THR B 163 -1.21 28.22 -24.63
CA THR B 163 -1.65 27.35 -25.73
C THR B 163 -2.97 26.66 -25.43
N LYS B 164 -3.51 26.83 -24.23
CA LYS B 164 -4.71 26.13 -23.76
C LYS B 164 -4.54 24.61 -23.91
N GLU B 165 -3.53 24.08 -23.22
CA GLU B 165 -3.25 22.65 -23.18
C GLU B 165 -3.05 22.23 -21.73
N LYS B 166 -3.50 21.04 -21.41
CA LYS B 166 -3.31 20.47 -20.08
C LYS B 166 -2.99 18.99 -20.26
N TYR B 167 -1.79 18.59 -19.85
CA TYR B 167 -1.30 17.23 -20.08
C TYR B 167 -0.75 16.63 -18.80
N GLY B 168 -0.93 15.32 -18.67
CA GLY B 168 -0.31 14.54 -17.62
C GLY B 168 0.97 13.89 -18.12
N TRP B 169 1.96 13.80 -17.22
CA TRP B 169 3.22 13.11 -17.45
C TRP B 169 3.58 12.44 -16.13
N GLY B 170 4.52 11.50 -16.17
CA GLY B 170 4.96 10.84 -14.96
C GLY B 170 6.38 10.32 -15.08
N SER B 171 6.96 10.00 -13.92
CA SER B 171 8.31 9.43 -13.82
C SER B 171 8.46 8.84 -12.44
N PRO B 172 9.02 7.64 -12.29
CA PRO B 172 9.25 7.12 -10.94
C PRO B 172 10.19 8.00 -10.15
N LEU B 173 10.94 8.90 -10.81
CA LEU B 173 11.83 9.82 -10.11
C LEU B 173 11.08 10.91 -9.36
N VAL B 174 9.77 11.06 -9.56
CA VAL B 174 9.03 12.10 -8.84
C VAL B 174 7.93 11.53 -7.96
N PHE B 175 8.03 10.26 -7.56
CA PHE B 175 7.29 9.83 -6.38
C PHE B 175 7.73 10.70 -5.20
N PRO B 176 6.80 11.21 -4.38
CA PRO B 176 7.21 11.88 -3.14
C PRO B 176 8.01 10.94 -2.24
N LYS B 177 9.01 11.50 -1.56
CA LYS B 177 9.75 10.71 -0.57
C LYS B 177 8.86 10.39 0.63
N PHE B 178 8.11 11.38 1.11
CA PHE B 178 7.22 11.19 2.23
C PHE B 178 6.06 12.16 2.09
N SER B 179 4.94 11.80 2.70
CA SER B 179 3.77 12.64 2.72
C SER B 179 3.12 12.57 4.10
N ILE B 180 2.86 13.75 4.67
CA ILE B 180 2.26 13.88 5.98
C ILE B 180 0.77 14.12 5.79
N LEU B 181 -0.05 13.25 6.38
CA LEU B 181 -1.49 13.18 6.15
C LEU B 181 -2.19 13.42 7.49
N ASP B 182 -2.62 14.65 7.73
CA ASP B 182 -3.27 15.00 8.99
C ASP B 182 -4.67 15.48 8.64
N PRO B 183 -5.72 14.81 9.12
CA PRO B 183 -7.09 15.29 8.82
C PRO B 183 -7.31 16.76 9.19
N VAL B 184 -6.71 17.25 10.27
CA VAL B 184 -6.86 18.66 10.63
C VAL B 184 -6.41 19.58 9.50
N ASN B 185 -5.41 19.16 8.72
CA ASN B 185 -4.93 20.04 7.66
C ASN B 185 -5.90 20.14 6.49
N THR B 186 -7.00 19.38 6.50
CA THR B 186 -8.04 19.50 5.48
C THR B 186 -9.30 20.21 5.99
N PHE B 187 -9.30 20.65 7.26
CA PHE B 187 -10.52 21.22 7.85
C PHE B 187 -11.07 22.39 7.03
N THR B 188 -10.21 23.27 6.52
CA THR B 188 -10.72 24.50 5.90
C THR B 188 -10.90 24.39 4.39
N VAL B 189 -10.74 23.19 3.81
CA VAL B 189 -11.08 23.03 2.39
C VAL B 189 -12.54 23.41 2.20
N PRO B 190 -12.86 24.38 1.35
CA PRO B 190 -14.25 24.80 1.18
C PRO B 190 -15.10 23.68 0.62
N LYS B 191 -16.43 23.89 0.68
CA LYS B 191 -17.38 22.85 0.29
C LYS B 191 -17.13 22.31 -1.11
N ASN B 192 -16.95 23.20 -2.08
CA ASN B 192 -16.84 22.74 -3.48
C ASN B 192 -15.61 21.87 -3.67
N HIS B 193 -14.46 22.31 -3.16
CA HIS B 193 -13.27 21.49 -3.34
C HIS B 193 -13.25 20.24 -2.46
N THR B 194 -13.98 20.24 -1.34
CA THR B 194 -14.19 19.00 -0.60
C THR B 194 -14.94 17.98 -1.44
N ILE B 195 -16.01 18.44 -2.12
CA ILE B 195 -16.73 17.60 -3.07
C ILE B 195 -15.80 17.12 -4.17
N TYR B 196 -15.07 18.06 -4.80
CA TYR B 196 -14.18 17.67 -5.89
C TYR B 196 -13.19 16.61 -5.46
N GLY B 197 -12.63 16.73 -4.24
CA GLY B 197 -11.70 15.74 -3.76
C GLY B 197 -12.31 14.35 -3.69
N MET B 198 -13.57 14.26 -3.25
CA MET B 198 -14.24 12.96 -3.14
C MET B 198 -14.66 12.42 -4.50
N VAL B 199 -15.07 13.29 -5.43
CA VAL B 199 -15.34 12.85 -6.80
C VAL B 199 -14.09 12.22 -7.40
N ASP B 200 -12.95 12.88 -7.20
CA ASP B 200 -11.69 12.38 -7.75
C ASP B 200 -11.31 11.04 -7.13
N MET B 201 -11.40 10.94 -5.80
CA MET B 201 -11.12 9.67 -5.12
C MET B 201 -11.95 8.54 -5.73
N MET B 202 -13.25 8.76 -5.83
CA MET B 202 -14.14 7.72 -6.37
C MET B 202 -13.76 7.38 -7.80
N SER B 203 -13.36 8.37 -8.58
CA SER B 203 -13.05 8.11 -9.99
CA SER B 203 -13.04 8.13 -9.99
C SER B 203 -11.85 7.17 -10.13
N HIS B 204 -10.86 7.28 -9.24
CA HIS B 204 -9.73 6.35 -9.31
C HIS B 204 -10.19 4.93 -9.04
N VAL B 205 -11.14 4.76 -8.11
CA VAL B 205 -11.63 3.42 -7.82
C VAL B 205 -12.39 2.86 -9.01
N PHE B 206 -13.22 3.69 -9.66
CA PHE B 206 -13.91 3.24 -10.87
C PHE B 206 -12.90 2.82 -11.94
N GLU B 207 -11.85 3.63 -12.13
CA GLU B 207 -10.85 3.30 -13.15
C GLU B 207 -10.24 1.92 -12.89
N GLN B 208 -9.91 1.63 -11.63
CA GLN B 208 -9.38 0.32 -11.28
C GLN B 208 -10.39 -0.78 -11.56
N TYR B 209 -11.64 -0.54 -11.13
CA TYR B 209 -12.68 -1.56 -11.22
C TYR B 209 -12.98 -1.94 -12.67
N PHE B 210 -12.88 -0.98 -13.59
CA PHE B 210 -13.21 -1.22 -14.99
C PHE B 210 -12.12 -1.94 -15.76
N HIS B 211 -10.92 -2.13 -15.19
CA HIS B 211 -9.91 -2.94 -15.86
C HIS B 211 -10.49 -4.31 -16.20
N HIS B 212 -10.07 -4.88 -17.33
CA HIS B 212 -10.55 -6.20 -17.73
C HIS B 212 -9.64 -7.28 -17.15
N VAL B 213 -10.26 -8.30 -16.54
CA VAL B 213 -9.60 -9.50 -16.03
C VAL B 213 -8.29 -9.20 -15.29
N SER B 214 -8.28 -8.17 -14.43
CA SER B 214 -7.10 -7.88 -13.65
C SER B 214 -7.48 -7.39 -12.25
N ASN B 215 -8.65 -7.81 -11.76
CA ASN B 215 -9.05 -7.61 -10.38
C ASN B 215 -9.39 -8.95 -9.77
N THR B 216 -8.89 -9.22 -8.56
CA THR B 216 -9.38 -10.39 -7.86
C THR B 216 -10.76 -10.11 -7.28
N PRO B 217 -11.54 -11.16 -7.01
CA PRO B 217 -12.84 -10.92 -6.35
C PRO B 217 -12.71 -10.17 -5.04
N TYR B 218 -11.67 -10.44 -4.23
CA TYR B 218 -11.56 -9.71 -2.97
C TYR B 218 -11.25 -8.24 -3.23
N GLN B 219 -10.39 -7.96 -4.21
CA GLN B 219 -10.12 -6.59 -4.63
C GLN B 219 -11.41 -5.88 -5.03
N ASP B 220 -12.30 -6.57 -5.74
CA ASP B 220 -13.61 -6.01 -6.06
C ASP B 220 -14.37 -5.65 -4.79
N ARG B 221 -14.38 -6.55 -3.81
CA ARG B 221 -15.09 -6.24 -2.56
C ARG B 221 -14.47 -5.03 -1.89
N MET B 222 -13.13 -4.93 -1.92
CA MET B 222 -12.46 -3.77 -1.32
C MET B 222 -12.89 -2.48 -2.00
N CYS B 223 -12.96 -2.48 -3.34
CA CYS B 223 -13.37 -1.28 -4.08
C CYS B 223 -14.81 -0.91 -3.79
N GLU B 224 -15.70 -1.90 -3.78
CA GLU B 224 -17.11 -1.64 -3.50
C GLU B 224 -17.29 -1.06 -2.09
N SER B 225 -16.58 -1.61 -1.11
CA SER B 225 -16.68 -1.10 0.27
C SER B 225 -16.17 0.33 0.36
N LEU B 226 -15.05 0.61 -0.31
CA LEU B 226 -14.51 1.97 -0.33
C LEU B 226 -15.54 2.94 -0.88
N LEU B 227 -16.11 2.62 -2.04
CA LEU B 227 -17.12 3.49 -2.63
C LEU B 227 -18.30 3.69 -1.69
N ARG B 228 -18.81 2.60 -1.09
CA ARG B 228 -19.95 2.73 -0.19
C ARG B 228 -19.64 3.67 0.97
N THR B 229 -18.42 3.58 1.52
CA THR B 229 -18.08 4.41 2.68
C THR B 229 -17.95 5.89 2.29
N VAL B 230 -17.37 6.18 1.12
CA VAL B 230 -17.34 7.58 0.66
C VAL B 230 -18.75 8.10 0.49
N ILE B 231 -19.63 7.27 -0.10
CA ILE B 231 -21.00 7.69 -0.37
C ILE B 231 -21.75 7.96 0.93
N GLU B 232 -21.54 7.12 1.94
CA GLU B 232 -22.20 7.33 3.23
C GLU B 232 -21.66 8.57 3.94
N THR B 233 -20.36 8.84 3.79
CA THR B 233 -19.71 9.87 4.60
C THR B 233 -19.90 11.26 4.00
N ALA B 234 -19.85 11.36 2.66
CA ALA B 234 -19.86 12.66 1.98
C ALA B 234 -21.00 13.59 2.39
N PRO B 235 -22.26 13.17 2.43
CA PRO B 235 -23.32 14.11 2.81
C PRO B 235 -23.16 14.65 4.21
N LYS B 236 -22.64 13.85 5.13
CA LYS B 236 -22.42 14.32 6.49
C LYS B 236 -21.30 15.35 6.54
N LEU B 237 -20.22 15.10 5.80
CA LEU B 237 -19.05 15.99 5.81
C LEU B 237 -19.38 17.35 5.23
N ILE B 238 -20.14 17.38 4.13
N ILE B 238 -20.13 17.40 4.12
CA ILE B 238 -20.44 18.63 3.44
CA ILE B 238 -20.38 18.68 3.47
C ILE B 238 -21.17 19.60 4.37
C ILE B 238 -21.21 19.61 4.35
N ASN B 239 -21.96 19.07 5.31
CA ASN B 239 -22.72 19.89 6.25
C ASN B 239 -22.02 20.07 7.59
N ASP B 240 -20.79 19.57 7.73
CA ASP B 240 -20.05 19.64 8.97
C ASP B 240 -18.57 19.56 8.64
N LEU B 241 -18.02 20.63 8.05
CA LEU B 241 -16.72 20.54 7.41
C LEU B 241 -15.55 20.47 8.38
N GLU B 242 -15.68 20.94 9.62
CA GLU B 242 -14.57 20.89 10.55
C GLU B 242 -14.70 19.73 11.54
N ASN B 243 -15.39 18.67 11.12
CA ASN B 243 -15.57 17.48 11.92
C ASN B 243 -14.39 16.54 11.73
N TYR B 244 -13.68 16.23 12.82
CA TYR B 244 -12.44 15.46 12.71
C TYR B 244 -12.71 14.06 12.15
N GLU B 245 -13.69 13.35 12.73
CA GLU B 245 -13.88 11.96 12.31
C GLU B 245 -14.32 11.87 10.86
N LEU B 246 -15.15 12.81 10.41
CA LEU B 246 -15.59 12.79 9.01
C LEU B 246 -14.43 13.09 8.07
N ARG B 247 -13.64 14.12 8.39
CA ARG B 247 -12.45 14.43 7.58
C ARG B 247 -11.46 13.28 7.63
N GLU B 248 -11.32 12.63 8.79
CA GLU B 248 -10.40 11.50 8.92
C GLU B 248 -10.83 10.34 8.02
N THR B 249 -12.14 10.06 7.97
CA THR B 249 -12.64 8.97 7.14
C THR B 249 -12.31 9.21 5.67
N ILE B 250 -12.58 10.42 5.18
CA ILE B 250 -12.30 10.71 3.78
C ILE B 250 -10.80 10.74 3.52
N LEU B 251 -10.00 11.28 4.45
CA LEU B 251 -8.56 11.25 4.22
C LEU B 251 -8.03 9.82 4.19
N TYR B 252 -8.50 8.97 5.11
CA TYR B 252 -8.01 7.59 5.15
C TYR B 252 -8.44 6.83 3.91
N THR B 253 -9.72 6.91 3.55
CA THR B 253 -10.19 6.17 2.38
C THR B 253 -9.56 6.69 1.09
N GLY B 254 -9.17 7.98 1.04
CA GLY B 254 -8.55 8.52 -0.14
C GLY B 254 -7.04 8.38 -0.23
N THR B 255 -6.42 7.84 0.82
CA THR B 255 -4.96 7.70 0.82
C THR B 255 -4.55 6.27 1.15
N ILE B 256 -4.34 5.97 2.44
CA ILE B 256 -3.80 4.66 2.83
C ILE B 256 -4.65 3.52 2.28
N ALA B 257 -5.97 3.62 2.40
CA ALA B 257 -6.81 2.47 2.04
C ALA B 257 -6.59 2.04 0.59
N LEU B 258 -6.39 3.03 -0.30
CA LEU B 258 -6.30 2.74 -1.72
C LEU B 258 -5.05 1.95 -2.06
N ASN B 259 -4.02 1.97 -1.20
CA ASN B 259 -2.85 1.16 -1.47
C ASN B 259 -3.17 -0.32 -1.42
N GLY B 260 -4.33 -0.70 -0.88
CA GLY B 260 -4.73 -2.08 -0.84
C GLY B 260 -5.50 -2.56 -2.05
N MET B 261 -5.78 -1.67 -3.01
CA MET B 261 -6.60 -2.07 -4.14
C MET B 261 -6.25 -1.40 -5.47
N LEU B 262 -5.52 -0.27 -5.47
CA LEU B 262 -5.29 0.42 -6.74
C LEU B 262 -3.96 0.01 -7.36
N SER B 263 -4.03 -0.49 -8.60
CA SER B 263 -2.85 -0.75 -9.40
C SER B 263 -2.20 0.56 -9.82
N MET B 264 -0.95 0.45 -10.26
CA MET B 264 -0.26 1.62 -10.80
C MET B 264 -1.01 2.21 -11.98
N GLY B 265 -1.71 1.36 -12.74
CA GLY B 265 -2.50 1.86 -13.85
C GLY B 265 -3.65 2.75 -13.41
N ALA B 266 -4.30 2.39 -12.31
CA ALA B 266 -5.37 3.24 -11.78
C ALA B 266 -4.78 4.51 -11.16
N ARG B 267 -3.65 4.40 -10.46
CA ARG B 267 -2.98 5.59 -9.94
C ARG B 267 -2.39 6.44 -11.05
N GLY B 268 -2.23 5.88 -12.24
CA GLY B 268 -1.77 6.67 -13.38
C GLY B 268 -2.89 7.07 -14.31
N ASP B 269 -4.11 7.17 -13.79
CA ASP B 269 -5.26 7.40 -14.66
C ASP B 269 -5.34 8.83 -15.14
N TRP B 270 -4.36 9.67 -14.81
CA TRP B 270 -4.28 10.98 -15.45
C TRP B 270 -4.07 10.87 -16.96
N ALA B 271 -3.73 9.68 -17.46
CA ALA B 271 -3.62 9.46 -18.89
C ALA B 271 -4.95 9.12 -19.55
N THR B 272 -6.04 9.02 -18.77
CA THR B 272 -7.33 8.56 -19.28
C THR B 272 -8.42 9.62 -19.22
N HIS B 273 -8.06 10.88 -18.98
CA HIS B 273 -9.09 11.90 -18.86
C HIS B 273 -8.85 13.02 -19.85
N ASN B 274 -8.67 12.65 -21.13
CA ASN B 274 -8.40 13.62 -22.17
C ASN B 274 -9.49 14.67 -22.29
N ILE B 275 -10.76 14.27 -22.13
CA ILE B 275 -11.85 15.23 -22.30
C ILE B 275 -11.84 16.23 -21.16
N GLU B 276 -11.78 15.75 -19.92
CA GLU B 276 -11.68 16.67 -18.79
C GLU B 276 -10.49 17.61 -18.93
N HIS B 277 -9.34 17.09 -19.36
CA HIS B 277 -8.16 17.94 -19.53
C HIS B 277 -8.43 19.04 -20.54
N ALA B 278 -9.08 18.69 -21.67
CA ALA B 278 -9.29 19.68 -22.72
C ALA B 278 -10.24 20.78 -22.25
N VAL B 279 -11.26 20.42 -21.46
CA VAL B 279 -12.20 21.42 -20.97
C VAL B 279 -11.53 22.33 -19.96
N SER B 280 -10.73 21.74 -19.05
CA SER B 280 -9.97 22.54 -18.10
C SER B 280 -8.90 23.38 -18.81
N ALA B 281 -8.35 22.87 -19.91
CA ALA B 281 -7.34 23.62 -20.65
C ALA B 281 -7.91 24.89 -21.26
N VAL B 282 -9.18 24.86 -21.68
CA VAL B 282 -9.82 26.00 -22.33
C VAL B 282 -10.49 26.92 -21.32
N TYR B 283 -11.18 26.36 -20.31
CA TYR B 283 -12.00 27.15 -19.41
C TYR B 283 -11.51 27.17 -17.97
N ASP B 284 -10.48 26.38 -17.65
CA ASP B 284 -9.85 26.39 -16.33
C ASP B 284 -10.79 25.89 -15.23
N ILE B 285 -11.75 25.03 -15.57
CA ILE B 285 -12.64 24.48 -14.55
C ILE B 285 -11.89 23.44 -13.72
N PRO B 286 -12.34 23.15 -12.49
CA PRO B 286 -11.67 22.14 -11.68
C PRO B 286 -11.75 20.78 -12.35
N HIS B 287 -10.66 20.03 -12.25
CA HIS B 287 -10.62 18.72 -12.91
C HIS B 287 -11.81 17.85 -12.51
N ALA B 288 -12.08 17.77 -11.21
CA ALA B 288 -13.16 16.91 -10.76
C ALA B 288 -14.54 17.50 -11.02
N GLY B 289 -14.64 18.82 -11.23
CA GLY B 289 -15.88 19.36 -11.78
C GLY B 289 -16.12 18.83 -13.18
N GLY B 290 -15.07 18.82 -14.00
CA GLY B 290 -15.13 18.12 -15.28
C GLY B 290 -15.53 16.67 -15.14
N LEU B 291 -14.94 15.95 -14.17
CA LEU B 291 -15.32 14.56 -13.95
C LEU B 291 -16.82 14.42 -13.69
N ALA B 292 -17.35 15.22 -12.74
CA ALA B 292 -18.76 15.09 -12.40
C ALA B 292 -19.65 15.34 -13.61
N ILE B 293 -19.25 16.26 -14.49
CA ILE B 293 -20.06 16.58 -15.65
C ILE B 293 -19.92 15.51 -16.72
N LEU B 294 -18.69 15.03 -16.96
CA LEU B 294 -18.37 14.28 -18.17
C LEU B 294 -18.26 12.77 -17.95
N PHE B 295 -17.69 12.34 -16.82
CA PHE B 295 -17.42 10.92 -16.59
C PHE B 295 -18.69 10.07 -16.68
N PRO B 296 -19.82 10.43 -16.08
CA PRO B 296 -21.03 9.61 -16.24
C PRO B 296 -21.48 9.47 -17.69
N ASN B 297 -21.34 10.53 -18.49
CA ASN B 297 -21.72 10.44 -19.89
C ASN B 297 -20.72 9.64 -20.68
N TRP B 298 -19.44 9.66 -20.27
CA TRP B 298 -18.47 8.74 -20.85
C TRP B 298 -18.84 7.30 -20.52
N MET B 299 -19.23 7.03 -19.27
CA MET B 299 -19.66 5.68 -18.90
C MET B 299 -20.85 5.22 -19.73
N ARG B 300 -21.81 6.12 -19.96
CA ARG B 300 -22.96 5.76 -20.78
C ARG B 300 -22.55 5.50 -22.23
N HIS B 301 -21.67 6.34 -22.77
CA HIS B 301 -21.24 6.23 -24.15
C HIS B 301 -20.48 4.93 -24.38
N THR B 302 -19.80 4.41 -23.35
CA THR B 302 -18.93 3.25 -23.48
C THR B 302 -19.39 2.04 -22.66
N LEU B 303 -20.62 2.06 -22.12
CA LEU B 303 -21.10 0.94 -21.31
C LEU B 303 -20.97 -0.37 -22.08
N SER B 304 -20.33 -1.35 -21.46
N SER B 304 -20.33 -1.35 -21.45
CA SER B 304 -20.01 -2.59 -22.16
CA SER B 304 -20.03 -2.62 -22.11
C SER B 304 -21.27 -3.39 -22.47
C SER B 304 -21.31 -3.35 -22.49
N GLU B 305 -21.28 -4.01 -23.66
CA GLU B 305 -22.40 -4.83 -24.08
C GLU B 305 -22.54 -6.10 -23.24
N ASN B 306 -21.54 -6.42 -22.43
CA ASN B 306 -21.70 -7.27 -21.26
C ASN B 306 -21.56 -6.33 -20.07
N PRO B 307 -22.66 -5.76 -19.56
CA PRO B 307 -22.55 -4.70 -18.55
C PRO B 307 -22.28 -5.25 -17.16
N ALA B 308 -21.55 -6.36 -17.10
CA ALA B 308 -21.38 -7.07 -15.84
C ALA B 308 -20.71 -6.20 -14.79
N ARG B 309 -19.59 -5.54 -15.14
CA ARG B 309 -18.85 -4.79 -14.13
C ARG B 309 -19.66 -3.61 -13.62
N MET B 310 -20.31 -2.86 -14.51
CA MET B 310 -21.11 -1.75 -14.02
C MET B 310 -22.39 -2.25 -13.35
N LYS B 311 -22.95 -3.37 -13.83
CA LYS B 311 -24.06 -3.97 -13.09
C LYS B 311 -23.64 -4.31 -11.67
N GLN B 312 -22.45 -4.89 -11.51
CA GLN B 312 -21.94 -5.25 -10.19
C GLN B 312 -21.89 -4.02 -9.29
N LEU B 313 -21.35 -2.92 -9.80
CA LEU B 313 -21.30 -1.69 -9.02
C LEU B 313 -22.70 -1.18 -8.70
N ALA B 314 -23.61 -1.22 -9.69
CA ALA B 314 -24.97 -0.75 -9.47
C ALA B 314 -25.63 -1.48 -8.32
N VAL B 315 -25.48 -2.81 -8.30
CA VAL B 315 -26.11 -3.64 -7.27
C VAL B 315 -25.36 -3.53 -5.94
N ARG B 316 -24.04 -3.68 -5.97
CA ARG B 316 -23.29 -3.84 -4.73
C ARG B 316 -22.96 -2.51 -4.06
N VAL B 317 -22.89 -1.42 -4.81
CA VAL B 317 -22.55 -0.12 -4.27
C VAL B 317 -23.78 0.79 -4.18
N PHE B 318 -24.58 0.83 -5.25
CA PHE B 318 -25.68 1.79 -5.33
C PHE B 318 -27.03 1.18 -4.98
N GLY B 319 -27.04 -0.06 -4.50
CA GLY B 319 -28.24 -0.67 -3.98
C GLY B 319 -29.35 -0.85 -4.98
N VAL B 320 -29.00 -0.90 -6.28
CA VAL B 320 -30.03 -1.09 -7.29
C VAL B 320 -30.65 -2.47 -7.12
N GLU B 321 -31.98 -2.51 -7.10
CA GLU B 321 -32.71 -3.77 -7.03
C GLU B 321 -32.89 -4.27 -8.46
N GLU B 322 -32.35 -5.45 -8.76
CA GLU B 322 -32.36 -5.92 -10.14
C GLU B 322 -33.62 -6.68 -10.52
N ALA B 323 -34.55 -6.90 -9.57
CA ALA B 323 -35.78 -7.62 -9.86
C ALA B 323 -36.60 -6.88 -10.91
N GLY B 324 -36.98 -7.61 -11.97
CA GLY B 324 -37.79 -7.04 -13.02
C GLY B 324 -37.07 -6.10 -13.96
N LYS B 325 -35.74 -6.09 -13.95
CA LYS B 325 -34.95 -5.24 -14.83
C LYS B 325 -33.98 -6.09 -15.64
N THR B 326 -33.62 -5.58 -16.80
CA THR B 326 -32.52 -6.17 -17.55
C THR B 326 -31.21 -5.80 -16.87
N ASP B 327 -30.16 -6.55 -17.17
CA ASP B 327 -28.87 -6.21 -16.62
C ASP B 327 -28.43 -4.83 -17.06
N LYS B 328 -28.76 -4.44 -18.30
CA LYS B 328 -28.39 -3.11 -18.78
C LYS B 328 -29.17 -2.02 -18.04
N GLU B 329 -30.48 -2.22 -17.87
CA GLU B 329 -31.27 -1.29 -17.06
C GLU B 329 -30.64 -1.10 -15.69
N VAL B 330 -30.12 -2.19 -15.10
CA VAL B 330 -29.48 -2.10 -13.80
C VAL B 330 -28.20 -1.29 -13.89
N ALA B 331 -27.38 -1.55 -14.92
CA ALA B 331 -26.11 -0.86 -15.08
C ALA B 331 -26.32 0.63 -15.30
N LEU B 332 -27.25 0.99 -16.19
CA LEU B 332 -27.52 2.39 -16.45
C LEU B 332 -28.14 3.07 -15.23
N GLU B 333 -28.98 2.35 -14.49
CA GLU B 333 -29.51 2.91 -13.26
C GLU B 333 -28.40 3.20 -12.26
N GLY B 334 -27.37 2.35 -12.23
CA GLY B 334 -26.23 2.63 -11.37
C GLY B 334 -25.51 3.90 -11.74
N ILE B 335 -25.35 4.15 -13.04
CA ILE B 335 -24.72 5.39 -13.46
C ILE B 335 -25.59 6.58 -13.08
N ASP B 336 -26.91 6.47 -13.29
CA ASP B 336 -27.83 7.52 -12.84
C ASP B 336 -27.65 7.82 -11.35
N LYS B 337 -27.58 6.75 -10.54
CA LYS B 337 -27.46 6.95 -9.10
C LYS B 337 -26.12 7.58 -8.75
N LEU B 338 -25.05 7.23 -9.48
CA LEU B 338 -23.77 7.88 -9.25
C LEU B 338 -23.86 9.37 -9.52
N SER B 339 -24.38 9.75 -10.68
CA SER B 339 -24.47 11.17 -11.01
C SER B 339 -25.42 11.89 -10.06
N ALA B 340 -26.53 11.24 -9.72
CA ALA B 340 -27.47 11.83 -8.76
C ALA B 340 -26.82 12.05 -7.41
N PHE B 341 -25.99 11.09 -6.98
CA PHE B 341 -25.27 11.24 -5.71
C PHE B 341 -24.32 12.44 -5.76
N TRP B 342 -23.49 12.52 -6.80
CA TRP B 342 -22.58 13.66 -6.89
C TRP B 342 -23.35 14.98 -6.92
N THR B 343 -24.44 15.03 -7.69
CA THR B 343 -25.25 16.24 -7.74
C THR B 343 -25.85 16.58 -6.39
N SER B 344 -26.25 15.56 -5.61
CA SER B 344 -26.87 15.82 -4.32
C SER B 344 -25.91 16.48 -3.35
N LEU B 345 -24.60 16.25 -3.52
CA LEU B 345 -23.59 16.94 -2.72
C LEU B 345 -23.43 18.39 -3.12
N GLY B 346 -23.78 18.73 -4.37
CA GLY B 346 -23.49 20.04 -4.93
C GLY B 346 -22.55 20.04 -6.11
N ALA B 347 -22.13 18.88 -6.62
CA ALA B 347 -21.25 18.83 -7.78
C ALA B 347 -22.02 19.30 -9.02
N PRO B 348 -21.33 19.90 -9.99
CA PRO B 348 -22.01 20.28 -11.23
C PRO B 348 -22.35 19.03 -12.04
N ASN B 349 -23.34 19.16 -12.93
CA ASN B 349 -23.66 18.04 -13.80
C ASN B 349 -23.87 18.45 -15.26
N ARG B 350 -23.71 19.72 -15.60
CA ARG B 350 -23.80 20.19 -16.97
C ARG B 350 -22.68 21.19 -17.19
N LEU B 351 -22.15 21.23 -18.41
CA LEU B 351 -21.22 22.31 -18.76
C LEU B 351 -21.84 23.67 -18.51
N ALA B 352 -23.17 23.78 -18.63
CA ALA B 352 -23.85 25.04 -18.35
C ALA B 352 -23.58 25.55 -16.95
N ASP B 353 -23.29 24.64 -16.01
CA ASP B 353 -23.04 25.06 -14.63
C ASP B 353 -21.80 25.93 -14.52
N TYR B 354 -20.85 25.76 -15.43
CA TYR B 354 -19.65 26.59 -15.47
C TYR B 354 -19.73 27.64 -16.56
N ASP B 355 -20.93 27.96 -17.03
CA ASP B 355 -21.13 28.97 -18.06
C ASP B 355 -20.46 28.60 -19.38
N ILE B 356 -20.46 27.31 -19.68
CA ILE B 356 -19.88 26.76 -20.91
C ILE B 356 -21.02 26.36 -21.83
N ASN B 357 -21.05 26.94 -23.03
CA ASN B 357 -22.00 26.56 -24.04
C ASN B 357 -21.29 25.68 -25.09
N ASP B 358 -21.87 25.60 -26.29
CA ASP B 358 -21.34 24.70 -27.30
C ASP B 358 -20.36 25.37 -28.25
N GLU B 359 -19.97 26.62 -27.97
CA GLU B 359 -19.22 27.42 -28.93
C GLU B 359 -17.89 26.77 -29.30
N GLN B 360 -17.24 26.12 -28.34
CA GLN B 360 -15.88 25.63 -28.53
C GLN B 360 -15.79 24.11 -28.49
N LEU B 361 -16.90 23.40 -28.66
CA LEU B 361 -16.87 21.95 -28.53
C LEU B 361 -15.95 21.30 -29.57
N ASP B 362 -15.94 21.83 -30.79
CA ASP B 362 -15.07 21.24 -31.81
C ASP B 362 -13.60 21.42 -31.45
N THR B 363 -13.22 22.61 -30.99
CA THR B 363 -11.84 22.86 -30.56
C THR B 363 -11.47 21.99 -29.38
N ILE B 364 -12.39 21.82 -28.43
CA ILE B 364 -12.13 20.98 -27.26
C ILE B 364 -11.94 19.54 -27.69
N ALA B 365 -12.75 19.07 -28.64
CA ALA B 365 -12.60 17.70 -29.12
C ALA B 365 -11.25 17.50 -29.80
N ASP B 366 -10.82 18.47 -30.60
CA ASP B 366 -9.49 18.41 -31.21
C ASP B 366 -8.39 18.33 -30.16
N LYS B 367 -8.49 19.15 -29.10
CA LYS B 367 -7.47 19.13 -28.07
C LYS B 367 -7.46 17.80 -27.33
N ALA B 368 -8.65 17.22 -27.10
CA ALA B 368 -8.74 15.94 -26.42
C ALA B 368 -8.15 14.83 -27.27
N MET B 369 -8.24 14.94 -28.59
CA MET B 369 -7.66 13.94 -29.48
C MET B 369 -6.19 14.17 -29.74
N ALA B 370 -5.64 15.30 -29.32
CA ALA B 370 -4.20 15.55 -29.45
C ALA B 370 -3.44 14.84 -28.34
N GLN B 376 -7.09 0.42 -27.42
CA GLN B 376 -7.73 -0.87 -27.22
C GLN B 376 -9.26 -0.78 -27.39
N PHE B 377 -9.95 -1.87 -27.08
CA PHE B 377 -11.39 -1.95 -27.22
C PHE B 377 -12.08 -0.80 -26.47
N LYS B 378 -12.95 -0.09 -27.19
CA LYS B 378 -13.78 1.05 -26.75
C LYS B 378 -13.04 2.39 -26.71
N SER B 379 -11.86 2.51 -27.32
CA SER B 379 -11.18 3.80 -27.34
C SER B 379 -11.92 4.80 -28.25
N LEU B 380 -11.77 6.08 -27.93
CA LEU B 380 -12.59 7.15 -28.49
C LEU B 380 -11.93 7.82 -29.69
N ASN B 381 -12.76 8.26 -30.64
CA ASN B 381 -12.35 9.15 -31.71
C ASN B 381 -13.02 10.51 -31.52
N LYS B 382 -12.83 11.41 -32.49
CA LYS B 382 -13.33 12.79 -32.33
C LYS B 382 -14.85 12.82 -32.23
N GLU B 383 -15.53 12.00 -33.03
CA GLU B 383 -17.00 11.96 -32.94
C GLU B 383 -17.45 11.47 -31.57
N ASP B 384 -16.75 10.49 -31.00
CA ASP B 384 -17.08 10.02 -29.65
C ASP B 384 -16.99 11.17 -28.65
N VAL B 385 -15.89 11.92 -28.72
CA VAL B 385 -15.68 13.02 -27.78
C VAL B 385 -16.74 14.09 -27.96
N LEU B 386 -17.04 14.44 -29.21
CA LEU B 386 -18.08 15.43 -29.47
C LEU B 386 -19.43 14.99 -28.93
N ALA B 387 -19.75 13.70 -29.08
CA ALA B 387 -21.03 13.19 -28.60
C ALA B 387 -21.11 13.27 -27.08
N ILE B 388 -20.01 12.94 -26.42
CA ILE B 388 -19.96 13.06 -24.96
C ILE B 388 -20.07 14.52 -24.53
N LEU B 389 -19.38 15.42 -25.22
CA LEU B 389 -19.48 16.84 -24.86
C LEU B 389 -20.91 17.34 -25.02
N LYS B 390 -21.53 17.05 -26.16
CA LYS B 390 -22.91 17.50 -26.41
C LYS B 390 -23.87 16.95 -25.38
N ALA B 391 -23.70 15.69 -25.00
CA ALA B 391 -24.59 15.09 -24.00
C ALA B 391 -24.45 15.76 -22.65
N SER B 392 -23.33 16.45 -22.43
CA SER B 392 -23.00 17.06 -21.15
C SER B 392 -23.30 18.55 -21.09
N LEU B 393 -23.87 19.12 -22.13
CA LEU B 393 -24.09 20.57 -22.15
C LEU B 393 -25.07 21.03 -21.09
PA NAP C . 9.47 -21.09 5.04
O1A NAP C . 10.21 -21.37 6.37
O2A NAP C . 10.13 -20.08 4.10
O5B NAP C . 9.24 -22.50 4.21
C5B NAP C . 8.50 -23.50 4.88
C4B NAP C . 8.38 -24.74 3.97
O4B NAP C . 7.67 -24.42 2.90
C3B NAP C . 9.78 -25.17 3.45
O3B NAP C . 10.09 -26.46 3.83
C2B NAP C . 9.65 -25.00 1.92
O2B NAP C . 10.32 -26.12 1.23
C1B NAP C . 8.36 -25.12 1.64
N9A NAP C . 7.89 -24.32 0.55
C8A NAP C . 7.87 -22.99 0.35
N7A NAP C . 7.28 -22.73 -0.83
C5A NAP C . 6.92 -23.92 -1.36
C6A NAP C . 6.28 -24.20 -2.55
N6A NAP C . 5.80 -23.35 -3.57
N1A NAP C . 6.03 -25.47 -2.88
C2A NAP C . 6.38 -26.46 -2.03
N3A NAP C . 7.01 -26.21 -0.84
C4A NAP C . 7.26 -24.90 -0.51
O3 NAP C . 7.90 -20.69 5.35
PN NAP C . 7.30 -19.22 5.62
O1N NAP C . 6.06 -19.46 6.44
O2N NAP C . 7.04 -18.56 4.34
O5D NAP C . 8.40 -18.37 6.49
C5D NAP C . 8.58 -18.65 7.87
C4D NAP C . 9.78 -17.79 8.28
O4D NAP C . 9.39 -16.52 8.07
C3D NAP C . 10.01 -17.97 9.78
O3D NAP C . 11.34 -18.19 10.06
C2D NAP C . 9.44 -16.64 10.34
O2D NAP C . 10.16 -16.34 11.60
C1D NAP C . 9.69 -15.73 9.40
N1N NAP C . 8.82 -14.56 9.36
C2N NAP C . 9.34 -13.35 9.05
C3N NAP C . 8.53 -12.20 9.02
C7N NAP C . 9.12 -10.87 8.69
O7N NAP C . 8.56 -9.85 8.98
N7N NAP C . 10.39 -10.82 7.96
C4N NAP C . 7.21 -12.30 9.28
C5N NAP C . 6.67 -13.52 9.58
C6N NAP C . 7.48 -14.67 9.60
P2B NAP C . 11.71 -25.77 0.41
O1X NAP C . 12.12 -27.08 -0.22
O2X NAP C . 11.44 -24.74 -0.66
O3X NAP C . 12.74 -25.25 1.39
N NO3 D . 8.57 -13.73 13.34
O1 NO3 D . 8.15 -13.44 12.20
O2 NO3 D . 8.25 -12.98 14.31
O3 NO3 D . 9.29 -14.75 13.52
N NO3 E . 24.17 -21.43 13.30
O1 NO3 E . 23.00 -21.00 13.11
O2 NO3 E . 25.03 -21.25 12.40
O3 NO3 E . 24.49 -22.03 14.37
PA NAP F . -6.09 22.03 -5.87
O1A NAP F . -6.21 22.50 -7.34
O2A NAP F . -4.67 21.69 -5.45
O5B NAP F . -6.70 23.20 -4.88
C5B NAP F . -8.04 23.56 -5.09
C4B NAP F . -8.41 24.65 -4.06
O4B NAP F . -8.38 24.11 -2.86
C3B NAP F . -7.37 25.80 -4.07
O3B NAP F . -7.99 26.96 -4.42
C2B NAP F . -6.83 25.80 -2.61
O2B NAP F . -6.69 27.20 -2.10
C1B NAP F . -7.76 25.21 -1.88
N9A NAP F . -7.28 24.44 -0.79
C8A NAP F . -6.51 23.34 -0.76
N7A NAP F . -6.38 22.95 0.54
C5A NAP F . -7.09 23.81 1.30
C6A NAP F . -7.27 23.87 2.67
N6A NAP F . -6.83 23.04 3.74
N1A NAP F . -8.02 24.85 3.19
C2A NAP F . -8.60 25.77 2.37
N3A NAP F . -8.41 25.72 1.02
C4A NAP F . -7.66 24.73 0.49
O3 NAP F . -7.18 20.84 -5.59
PN NAP F . -6.96 19.23 -5.79
O1N NAP F . -8.34 18.73 -5.99
O2N NAP F . -6.28 18.66 -4.60
O5D NAP F . -6.00 19.01 -7.08
C5D NAP F . -6.54 19.19 -8.38
C4D NAP F . -5.34 19.06 -9.31
O4D NAP F . -4.82 17.83 -9.12
C3D NAP F . -5.81 19.15 -10.76
O3D NAP F . -5.06 20.01 -11.54
C2D NAP F . -5.74 17.66 -11.23
O2D NAP F . -5.49 17.69 -12.68
C1D NAP F . -4.71 17.15 -10.54
N1N NAP F . -4.71 15.72 -10.32
C2N NAP F . -3.54 15.04 -10.41
C3N NAP F . -3.52 13.64 -10.19
C7N NAP F . -2.24 12.88 -10.29
O7N NAP F . -2.26 11.68 -10.48
N7N NAP F . -0.98 13.60 -10.17
C4N NAP F . -4.66 12.98 -9.91
C5N NAP F . -5.82 13.66 -9.83
C6N NAP F . -5.85 15.04 -10.01
P2B NAP F . -5.14 27.74 -1.92
O1X NAP F . -4.48 27.77 -3.27
O2X NAP F . -5.30 29.11 -1.31
O3X NAP F . -4.39 26.81 -0.97
N NO3 G . -5.94 14.44 -13.99
O1 NO3 G . -5.60 14.13 -12.82
O2 NO3 G . -5.97 15.66 -14.33
O3 NO3 G . -6.24 13.53 -14.81
N NO3 H . 1.36 29.13 -18.86
O1 NO3 H . 0.78 28.14 -18.35
O2 NO3 H . 2.45 29.53 -18.37
O3 NO3 H . 0.85 29.71 -19.86
#